data_3KEU
#
_entry.id   3KEU
#
_cell.length_a   91.202
_cell.length_b   114.585
_cell.length_c   169.414
_cell.angle_alpha   90.00
_cell.angle_beta   90.00
_cell.angle_gamma   90.00
#
_symmetry.space_group_name_H-M   'I 2 2 2'
#
loop_
_entity.id
_entity.type
_entity.pdbx_description
1 polymer 'Pyridoxal kinase'
2 non-polymer 'MAGNESIUM ION'
3 non-polymer 'SODIUM ION'
4 non-polymer "ADENOSINE-5'-TRIPHOSPHATE"
5 non-polymer "PYRIDOXAL-5'-PHOSPHATE"
6 non-polymer (4S)-2-METHYL-2,4-PENTANEDIOL
7 non-polymer 'SULFATE ION'
8 water water
#
_entity_poly.entity_id   1
_entity_poly.type   'polypeptide(L)'
_entity_poly.pdbx_seq_one_letter_code
;MEEECRVLSIQSHVIRGYVGNRAATFPLQVLGFEIDAVNSVQFSNHTGYAHWKGQVLNSDELQELYEGLRLNNMNKYDYV
LTGYTRDKSFLAMVVDIVQELKQQNPRLVYVCDPVLGDKWDGEGSMYVPEDLLPVYKEKVVPLADIITPNQFEAELLSGR
KIHSQEEALRVMDMLHSMGPDTVVITSSDLPSPQGSNYLIVLGSQRRRNPAGSVVMERIRMDIRKVDAVFVGTGDLFAAM
LLAWTHKHPNNLKVACEKTVSTLHHVLQRTIQCAKAQAGEGVRPSPMQLELRMVQSKRDIEDPEIVVQATVL
;
_entity_poly.pdbx_strand_id   A,B
#
loop_
_chem_comp.id
_chem_comp.type
_chem_comp.name
_chem_comp.formula
ATP non-polymer ADENOSINE-5'-TRIPHOSPHATE 'C10 H16 N5 O13 P3'
MG non-polymer 'MAGNESIUM ION' 'Mg 2'
MPD non-polymer (4S)-2-METHYL-2,4-PENTANEDIOL 'C6 H14 O2'
NA non-polymer 'SODIUM ION' 'Na 1'
PLP non-polymer PYRIDOXAL-5'-PHOSPHATE 'C8 H10 N O6 P'
SO4 non-polymer 'SULFATE ION' 'O4 S -2'
#
# COMPACT_ATOMS: atom_id res chain seq x y z
N GLU A 3 1.28 21.94 -2.70
CA GLU A 3 1.10 20.96 -3.82
C GLU A 3 1.17 19.51 -3.30
N GLU A 4 2.26 19.18 -2.61
CA GLU A 4 2.41 17.84 -2.07
C GLU A 4 3.16 17.76 -0.76
N CYS A 5 2.61 16.98 0.16
CA CYS A 5 3.22 16.75 1.45
C CYS A 5 3.73 15.31 1.37
N ARG A 6 5.04 15.16 1.17
CA ARG A 6 5.61 13.84 1.01
C ARG A 6 6.12 13.27 2.32
N VAL A 7 5.88 11.98 2.51
CA VAL A 7 6.31 11.31 3.71
C VAL A 7 7.15 10.09 3.33
N LEU A 8 8.30 9.95 3.97
CA LEU A 8 9.15 8.77 3.73
C LEU A 8 8.91 7.96 4.98
N SER A 9 8.23 6.84 4.84
CA SER A 9 7.89 5.96 5.96
C SER A 9 8.66 4.64 5.86
N ILE A 10 9.56 4.41 6.81
CA ILE A 10 10.39 3.21 6.82
C ILE A 10 9.94 2.30 7.96
N GLN A 11 9.14 1.30 7.60
CA GLN A 11 8.56 0.36 8.55
C GLN A 11 8.34 -0.98 7.88
N SER A 12 7.95 -1.95 8.68
CA SER A 12 7.67 -3.28 8.18
C SER A 12 6.54 -3.34 7.17
N HIS A 13 6.56 -4.41 6.37
CA HIS A 13 5.51 -4.69 5.44
C HIS A 13 5.12 -6.13 5.67
N VAL A 14 3.82 -6.42 5.69
CA VAL A 14 3.35 -7.80 5.82
C VAL A 14 2.43 -8.00 4.62
N ILE A 15 2.27 -9.24 4.17
CA ILE A 15 1.43 -9.55 3.02
C ILE A 15 -0.01 -9.58 3.51
N ARG A 16 -0.24 -10.37 4.55
CA ARG A 16 -1.56 -10.44 5.11
C ARG A 16 -1.56 -9.59 6.38
N GLY A 17 -2.52 -8.65 6.48
CA GLY A 17 -2.64 -7.86 7.68
C GLY A 17 -2.27 -6.40 7.65
N TYR A 18 -2.38 -5.74 8.81
CA TYR A 18 -2.06 -4.33 8.91
C TYR A 18 -1.14 -3.89 10.07
N VAL A 19 0.16 -3.90 9.83
CA VAL A 19 1.13 -3.43 10.82
C VAL A 19 2.18 -2.59 10.07
N GLY A 20 2.88 -1.74 10.80
CA GLY A 20 3.88 -0.89 10.18
C GLY A 20 3.38 -0.14 8.96
N ASN A 21 4.09 -0.27 7.83
CA ASN A 21 3.72 0.40 6.62
C ASN A 21 2.32 0.03 6.10
N ARG A 22 1.87 -1.18 6.42
CA ARG A 22 0.52 -1.59 6.01
C ARG A 22 -0.53 -0.83 6.81
N ALA A 23 -0.24 -0.53 8.08
CA ALA A 23 -1.19 0.22 8.91
C ALA A 23 -1.10 1.71 8.62
N ALA A 24 0.08 2.16 8.20
CA ALA A 24 0.31 3.57 7.96
C ALA A 24 0.01 4.14 6.56
N THR A 25 0.19 3.32 5.53
CA THR A 25 0.06 3.81 4.16
C THR A 25 -1.33 4.17 3.68
N PHE A 26 -2.23 3.20 3.64
CA PHE A 26 -3.59 3.46 3.20
C PHE A 26 -4.17 4.71 3.88
N PRO A 27 -4.06 4.79 5.22
CA PRO A 27 -4.60 5.96 5.94
C PRO A 27 -4.05 7.29 5.47
N LEU A 28 -2.74 7.38 5.36
CA LEU A 28 -2.11 8.60 4.91
C LEU A 28 -2.47 8.91 3.44
N GLN A 29 -2.53 7.90 2.58
CA GLN A 29 -2.89 8.12 1.18
C GLN A 29 -4.32 8.65 1.11
N VAL A 30 -5.20 8.07 1.92
CA VAL A 30 -6.58 8.50 1.97
C VAL A 30 -6.65 9.98 2.37
N LEU A 31 -5.74 10.43 3.22
CA LEU A 31 -5.75 11.82 3.64
C LEU A 31 -5.00 12.75 2.70
N GLY A 32 -4.60 12.22 1.54
CA GLY A 32 -3.92 13.03 0.53
C GLY A 32 -2.42 13.21 0.60
N PHE A 33 -1.74 12.41 1.41
CA PHE A 33 -0.29 12.55 1.53
C PHE A 33 0.43 11.66 0.50
N GLU A 34 1.50 12.18 -0.09
CA GLU A 34 2.31 11.40 -1.00
C GLU A 34 3.26 10.61 -0.10
N ILE A 35 2.78 9.52 0.48
CA ILE A 35 3.64 8.73 1.32
C ILE A 35 4.31 7.64 0.51
N ASP A 36 5.63 7.55 0.69
CA ASP A 36 6.49 6.58 0.03
C ASP A 36 6.84 5.59 1.12
N ALA A 37 6.65 4.31 0.82
CA ALA A 37 6.89 3.24 1.78
C ALA A 37 8.18 2.44 1.55
N VAL A 38 9.09 2.52 2.50
CA VAL A 38 10.32 1.76 2.41
C VAL A 38 10.01 0.62 3.34
N ASN A 39 9.99 -0.59 2.81
CA ASN A 39 9.66 -1.73 3.65
C ASN A 39 10.88 -2.35 4.28
N SER A 40 11.04 -2.10 5.59
CA SER A 40 12.17 -2.61 6.36
C SER A 40 12.24 -4.13 6.44
N VAL A 41 11.11 -4.80 6.22
CA VAL A 41 11.03 -6.27 6.17
C VAL A 41 9.79 -6.58 5.34
N GLN A 42 9.69 -7.82 4.90
CA GLN A 42 8.51 -8.26 4.16
C GLN A 42 8.18 -9.61 4.74
N PHE A 43 7.16 -9.64 5.59
CA PHE A 43 6.75 -10.87 6.24
C PHE A 43 5.38 -11.33 5.77
N SER A 44 5.14 -12.63 5.89
CA SER A 44 3.84 -13.17 5.50
C SER A 44 2.73 -12.50 6.32
N ASN A 45 3.05 -12.22 7.58
CA ASN A 45 2.09 -11.64 8.51
C ASN A 45 2.86 -11.22 9.76
N HIS A 46 2.20 -10.52 10.68
CA HIS A 46 2.88 -10.07 11.90
C HIS A 46 3.24 -11.23 12.83
N THR A 47 4.21 -10.99 13.70
CA THR A 47 4.72 -12.01 14.62
C THR A 47 3.79 -12.42 15.76
N GLY A 48 2.57 -11.88 15.74
CA GLY A 48 1.63 -12.24 16.78
C GLY A 48 0.96 -13.57 16.44
N TYR A 49 1.20 -14.06 15.23
CA TYR A 49 0.62 -15.33 14.78
C TYR A 49 1.47 -16.54 15.20
N ALA A 50 0.87 -17.72 15.15
CA ALA A 50 1.58 -18.94 15.49
C ALA A 50 2.79 -19.04 14.56
N HIS A 51 2.62 -18.64 13.31
CA HIS A 51 3.73 -18.72 12.35
C HIS A 51 3.95 -17.43 11.60
N TRP A 52 5.12 -17.33 10.98
CA TRP A 52 5.45 -16.18 10.15
C TRP A 52 6.77 -16.43 9.43
N LYS A 53 6.88 -15.93 8.20
CA LYS A 53 8.05 -16.05 7.34
C LYS A 53 8.37 -14.74 6.68
N GLY A 54 9.60 -14.55 6.28
CA GLY A 54 9.98 -13.35 5.58
C GLY A 54 11.45 -13.11 5.50
N GLN A 55 11.77 -11.97 4.89
CA GLN A 55 13.13 -11.54 4.70
C GLN A 55 13.18 -10.10 5.18
N VAL A 56 14.36 -9.65 5.58
CA VAL A 56 14.55 -8.31 6.06
C VAL A 56 15.33 -7.51 5.04
N LEU A 57 15.47 -6.23 5.33
CA LEU A 57 16.20 -5.32 4.50
C LEU A 57 17.40 -4.92 5.38
N ASN A 58 18.62 -5.18 4.92
CA ASN A 58 19.79 -4.80 5.71
C ASN A 58 20.13 -3.34 5.46
N SER A 59 20.98 -2.79 6.33
CA SER A 59 21.35 -1.39 6.24
C SER A 59 21.95 -0.96 4.90
N ASP A 60 22.63 -1.87 4.23
CA ASP A 60 23.24 -1.55 2.94
C ASP A 60 22.14 -1.39 1.88
N GLU A 61 21.14 -2.26 1.93
CA GLU A 61 20.03 -2.20 0.99
C GLU A 61 19.21 -0.92 1.19
N LEU A 62 19.05 -0.49 2.45
CA LEU A 62 18.34 0.73 2.77
C LEU A 62 19.10 1.91 2.17
N GLN A 63 20.42 1.91 2.35
CA GLN A 63 21.26 2.97 1.80
C GLN A 63 21.21 2.94 0.28
N GLU A 64 21.23 1.73 -0.27
CA GLU A 64 21.12 1.56 -1.71
C GLU A 64 19.84 2.28 -2.19
N LEU A 65 18.70 2.01 -1.55
CA LEU A 65 17.43 2.64 -1.94
C LEU A 65 17.48 4.17 -1.79
N TYR A 66 18.07 4.65 -0.69
CA TYR A 66 18.17 6.10 -0.49
C TYR A 66 19.01 6.71 -1.62
N GLU A 67 20.05 5.97 -2.01
CA GLU A 67 20.97 6.41 -3.06
C GLU A 67 20.26 6.59 -4.40
N GLY A 68 19.36 5.66 -4.70
CA GLY A 68 18.62 5.76 -5.95
C GLY A 68 17.77 7.01 -5.95
N LEU A 69 17.17 7.33 -4.80
CA LEU A 69 16.32 8.52 -4.69
C LEU A 69 17.16 9.76 -4.83
N ARG A 70 18.33 9.75 -4.16
CA ARG A 70 19.22 10.91 -4.21
C ARG A 70 19.70 11.18 -5.64
N LEU A 71 20.17 10.13 -6.32
CA LEU A 71 20.64 10.24 -7.69
C LEU A 71 19.59 10.91 -8.58
N ASN A 72 18.30 10.70 -8.29
CA ASN A 72 17.23 11.31 -9.10
C ASN A 72 16.72 12.62 -8.50
N ASN A 73 17.35 13.04 -7.40
CA ASN A 73 16.94 14.27 -6.72
C ASN A 73 15.53 14.14 -6.17
N MET A 74 15.21 12.96 -5.66
CA MET A 74 13.87 12.72 -5.11
C MET A 74 14.02 12.58 -3.59
N ASN A 75 15.13 13.09 -3.08
CA ASN A 75 15.41 13.03 -1.66
C ASN A 75 14.97 14.32 -0.93
N LYS A 76 13.74 14.75 -1.20
CA LYS A 76 13.21 15.94 -0.56
C LYS A 76 11.84 15.53 -0.04
N TYR A 77 11.74 15.43 1.28
CA TYR A 77 10.51 15.03 1.95
C TYR A 77 10.12 16.04 2.99
N ASP A 78 8.81 16.16 3.22
CA ASP A 78 8.27 17.08 4.22
C ASP A 78 8.25 16.41 5.60
N TYR A 79 8.15 15.08 5.58
CA TYR A 79 8.12 14.27 6.81
C TYR A 79 8.85 12.98 6.62
N VAL A 80 9.28 12.43 7.76
CA VAL A 80 9.88 11.12 7.77
C VAL A 80 9.15 10.44 8.91
N LEU A 81 8.82 9.17 8.71
CA LEU A 81 8.10 8.40 9.70
C LEU A 81 8.78 7.06 9.90
N THR A 82 9.16 6.73 11.14
CA THR A 82 9.78 5.44 11.38
C THR A 82 9.14 4.79 12.58
N GLY A 83 9.20 3.47 12.64
CA GLY A 83 8.63 2.77 13.76
C GLY A 83 9.52 1.62 14.21
N TYR A 84 8.94 0.44 14.37
CA TYR A 84 9.69 -0.71 14.83
C TYR A 84 10.85 -1.17 13.96
N THR A 85 12.00 -1.33 14.60
CA THR A 85 13.21 -1.82 13.96
C THR A 85 13.86 -2.72 14.99
N ARG A 86 14.39 -3.84 14.56
CA ARG A 86 15.02 -4.75 15.49
C ARG A 86 16.53 -4.66 15.34
N ASP A 87 16.97 -4.16 14.19
CA ASP A 87 18.40 -4.07 13.88
C ASP A 87 19.02 -2.72 14.16
N LYS A 88 20.08 -2.73 14.98
CA LYS A 88 20.82 -1.52 15.37
C LYS A 88 21.50 -0.82 14.19
N SER A 89 22.07 -1.62 13.30
CA SER A 89 22.73 -1.10 12.10
C SER A 89 21.70 -0.32 11.25
N PHE A 90 20.53 -0.93 11.06
CA PHE A 90 19.43 -0.34 10.29
C PHE A 90 19.04 1.01 10.87
N LEU A 91 18.81 1.05 12.19
CA LEU A 91 18.42 2.29 12.87
C LEU A 91 19.46 3.40 12.71
N ALA A 92 20.73 3.02 12.81
CA ALA A 92 21.82 4.00 12.63
C ALA A 92 21.77 4.55 11.20
N MET A 93 21.59 3.64 10.23
CA MET A 93 21.48 4.05 8.83
C MET A 93 20.27 4.98 8.68
N VAL A 94 19.16 4.66 9.36
CA VAL A 94 17.98 5.52 9.30
C VAL A 94 18.33 6.92 9.77
N VAL A 95 19.08 6.99 10.87
CA VAL A 95 19.52 8.26 11.44
C VAL A 95 20.32 9.10 10.45
N ASP A 96 21.25 8.46 9.76
CA ASP A 96 22.04 9.20 8.77
C ASP A 96 21.15 9.76 7.70
N ILE A 97 20.17 8.97 7.27
CA ILE A 97 19.23 9.40 6.25
C ILE A 97 18.41 10.61 6.68
N VAL A 98 17.86 10.58 7.90
CA VAL A 98 17.07 11.74 8.37
C VAL A 98 17.96 12.98 8.45
N GLN A 99 19.16 12.82 9.01
CA GLN A 99 20.10 13.94 9.11
C GLN A 99 20.28 14.54 7.72
N GLU A 100 20.52 13.69 6.75
CA GLU A 100 20.69 14.09 5.36
C GLU A 100 19.41 14.77 4.82
N LEU A 101 18.26 14.12 5.00
CA LEU A 101 17.02 14.70 4.51
C LEU A 101 16.74 16.05 5.18
N LYS A 102 17.17 16.19 6.43
CA LYS A 102 17.00 17.44 7.15
C LYS A 102 17.91 18.56 6.60
N GLN A 103 19.13 18.21 6.18
CA GLN A 103 20.03 19.21 5.60
C GLN A 103 19.45 19.55 4.24
N GLN A 104 18.79 18.58 3.62
CA GLN A 104 18.16 18.83 2.33
C GLN A 104 16.92 19.74 2.48
N ASN A 105 16.21 19.58 3.60
CA ASN A 105 15.03 20.39 3.88
C ASN A 105 14.84 20.65 5.37
N PRO A 106 15.43 21.73 5.86
CA PRO A 106 15.37 22.14 7.27
C PRO A 106 14.00 22.05 7.92
N ARG A 107 12.94 22.25 7.14
CA ARG A 107 11.59 22.20 7.69
C ARG A 107 11.00 20.79 7.80
N LEU A 108 11.79 19.77 7.50
CA LEU A 108 11.31 18.39 7.60
C LEU A 108 10.93 18.01 9.03
N VAL A 109 9.76 17.38 9.19
CA VAL A 109 9.29 16.95 10.50
C VAL A 109 9.50 15.45 10.61
N TYR A 110 10.33 15.04 11.56
CA TYR A 110 10.59 13.62 11.74
C TYR A 110 9.68 13.07 12.84
N VAL A 111 8.78 12.16 12.46
CA VAL A 111 7.87 11.49 13.39
C VAL A 111 8.45 10.12 13.73
N CYS A 112 8.98 10.01 14.94
CA CYS A 112 9.62 8.78 15.43
C CYS A 112 8.77 8.05 16.47
N ASP A 113 8.45 6.80 16.18
CA ASP A 113 7.73 5.96 17.13
C ASP A 113 8.87 5.11 17.66
N PRO A 114 9.38 5.41 18.85
CA PRO A 114 10.49 4.71 19.52
C PRO A 114 10.05 3.37 20.07
N VAL A 115 9.76 2.44 19.17
CA VAL A 115 9.28 1.14 19.58
C VAL A 115 10.35 0.31 20.27
N LEU A 116 10.14 0.02 21.57
CA LEU A 116 11.11 -0.77 22.36
C LEU A 116 10.49 -1.94 23.10
N GLY A 117 9.23 -1.82 23.46
CA GLY A 117 8.61 -2.91 24.21
C GLY A 117 7.29 -2.42 24.77
N ASP A 118 6.74 -3.15 25.73
CA ASP A 118 5.46 -2.77 26.31
C ASP A 118 5.29 -3.37 27.68
N LYS A 119 4.24 -2.93 28.38
CA LYS A 119 3.93 -3.46 29.70
C LYS A 119 2.75 -4.40 29.51
N TRP A 120 2.77 -5.55 30.17
CA TRP A 120 1.66 -6.47 30.01
C TRP A 120 0.60 -6.36 31.10
N ASP A 121 0.73 -7.20 32.11
CA ASP A 121 -0.24 -7.20 33.21
C ASP A 121 0.05 -6.02 34.13
N GLY A 122 1.31 -5.86 34.48
CA GLY A 122 1.69 -4.75 35.33
C GLY A 122 2.92 -4.05 34.78
N GLU A 123 4.06 -4.70 34.97
CA GLU A 123 5.31 -4.17 34.48
C GLU A 123 5.57 -4.88 33.15
N GLY A 124 6.26 -4.20 32.24
CA GLY A 124 6.50 -4.78 30.93
C GLY A 124 7.90 -5.21 30.58
N SER A 125 8.06 -5.68 29.35
CA SER A 125 9.34 -6.14 28.84
C SER A 125 9.62 -5.60 27.45
N MET A 126 10.90 -5.55 27.11
CA MET A 126 11.34 -5.07 25.82
C MET A 126 11.21 -6.18 24.81
N TYR A 127 11.05 -5.84 23.55
CA TYR A 127 11.01 -6.88 22.52
C TYR A 127 11.86 -6.43 21.34
N VAL A 128 12.95 -5.79 21.72
CA VAL A 128 13.94 -5.27 20.82
C VAL A 128 15.25 -5.48 21.57
N PRO A 129 16.34 -5.77 20.84
CA PRO A 129 17.63 -5.97 21.49
C PRO A 129 17.93 -4.73 22.32
N GLU A 130 18.52 -4.90 23.50
CA GLU A 130 18.82 -3.78 24.36
C GLU A 130 19.78 -2.73 23.78
N ASP A 131 20.76 -3.15 22.99
CA ASP A 131 21.72 -2.21 22.40
C ASP A 131 21.06 -1.10 21.59
N LEU A 132 19.76 -1.23 21.36
CA LEU A 132 19.02 -0.25 20.59
C LEU A 132 18.66 0.99 21.40
N LEU A 133 18.36 0.79 22.67
CA LEU A 133 17.97 1.90 23.55
C LEU A 133 18.96 3.06 23.53
N PRO A 134 20.27 2.77 23.65
CA PRO A 134 21.24 3.86 23.62
C PRO A 134 21.18 4.67 22.32
N VAL A 135 20.97 3.99 21.20
CA VAL A 135 20.89 4.71 19.92
C VAL A 135 19.65 5.59 19.88
N TYR A 136 18.54 5.07 20.40
CA TYR A 136 17.32 5.87 20.43
C TYR A 136 17.52 7.10 21.30
N LYS A 137 18.12 6.91 22.47
CA LYS A 137 18.35 8.04 23.38
C LYS A 137 19.38 9.02 22.87
N GLU A 138 20.47 8.49 22.35
CA GLU A 138 21.57 9.32 21.86
C GLU A 138 21.45 9.81 20.44
N LYS A 139 20.95 8.97 19.54
CA LYS A 139 20.87 9.37 18.15
C LYS A 139 19.50 9.71 17.58
N VAL A 140 18.55 8.80 17.76
CA VAL A 140 17.21 8.96 17.22
C VAL A 140 16.36 10.08 17.78
N VAL A 141 16.03 9.98 19.07
CA VAL A 141 15.19 11.00 19.71
C VAL A 141 15.69 12.44 19.60
N PRO A 142 17.01 12.68 19.73
CA PRO A 142 17.42 14.08 19.60
C PRO A 142 17.10 14.63 18.19
N LEU A 143 17.03 13.74 17.20
CA LEU A 143 16.72 14.18 15.84
C LEU A 143 15.22 14.35 15.60
N ALA A 144 14.42 13.58 16.33
CA ALA A 144 12.97 13.58 16.22
C ALA A 144 12.25 14.85 16.61
N ASP A 145 11.22 15.17 15.85
CA ASP A 145 10.42 16.35 16.15
C ASP A 145 9.14 15.95 16.89
N ILE A 146 8.68 14.73 16.65
CA ILE A 146 7.47 14.20 17.28
C ILE A 146 7.76 12.76 17.68
N ILE A 147 7.50 12.40 18.94
CA ILE A 147 7.71 11.02 19.33
C ILE A 147 6.44 10.51 19.95
N THR A 148 6.20 9.22 19.78
CA THR A 148 4.97 8.57 20.24
C THR A 148 5.23 7.36 21.12
N PRO A 149 5.97 7.52 22.23
CA PRO A 149 6.16 6.30 23.01
C PRO A 149 4.94 5.97 23.87
N ASN A 150 4.85 4.72 24.28
CA ASN A 150 3.81 4.29 25.18
C ASN A 150 4.50 4.48 26.56
N GLN A 151 3.80 4.25 27.66
CA GLN A 151 4.39 4.48 28.98
C GLN A 151 5.77 3.84 29.18
N PHE A 152 5.83 2.54 28.93
CA PHE A 152 7.06 1.77 29.03
C PHE A 152 8.22 2.41 28.26
N GLU A 153 8.00 2.74 27.00
CA GLU A 153 9.04 3.36 26.20
C GLU A 153 9.45 4.72 26.77
N ALA A 154 8.48 5.50 27.26
CA ALA A 154 8.82 6.81 27.84
C ALA A 154 9.71 6.68 29.09
N GLU A 155 9.52 5.56 29.81
CA GLU A 155 10.24 5.31 31.03
C GLU A 155 11.66 4.90 30.67
N LEU A 156 11.77 4.03 29.67
CA LEU A 156 13.06 3.56 29.20
C LEU A 156 13.90 4.69 28.66
N LEU A 157 13.29 5.56 27.87
CA LEU A 157 14.00 6.67 27.24
C LEU A 157 14.37 7.77 28.24
N SER A 158 13.75 7.74 29.42
CA SER A 158 14.02 8.77 30.42
C SER A 158 14.74 8.25 31.64
N GLY A 159 14.64 6.96 31.88
CA GLY A 159 15.27 6.37 33.04
C GLY A 159 14.42 6.55 34.29
N ARG A 160 13.24 7.14 34.13
CA ARG A 160 12.34 7.34 35.26
C ARG A 160 11.06 6.52 35.15
N LYS A 161 10.61 6.00 36.27
CA LYS A 161 9.40 5.20 36.34
C LYS A 161 8.25 6.19 36.39
N ILE A 162 7.11 5.82 35.83
CA ILE A 162 5.94 6.70 35.84
C ILE A 162 4.82 6.04 36.64
N HIS A 163 4.45 6.62 37.77
CA HIS A 163 3.38 6.07 38.61
C HIS A 163 2.14 6.97 38.63
N SER A 164 2.28 8.21 38.18
CA SER A 164 1.15 9.12 38.19
C SER A 164 1.12 9.98 36.95
N GLN A 165 0.07 10.77 36.81
CA GLN A 165 -0.07 11.69 35.70
C GLN A 165 1.05 12.73 35.77
N GLU A 166 1.31 13.25 36.97
CA GLU A 166 2.33 14.27 37.17
C GLU A 166 3.73 13.83 36.80
N GLU A 167 4.07 12.60 37.17
CA GLU A 167 5.35 12.02 36.84
C GLU A 167 5.45 11.81 35.33
N ALA A 168 4.33 11.48 34.69
CA ALA A 168 4.32 11.26 33.25
C ALA A 168 4.64 12.57 32.54
N LEU A 169 4.05 13.66 33.02
CA LEU A 169 4.29 14.97 32.42
C LEU A 169 5.71 15.44 32.68
N ARG A 170 6.31 14.98 33.77
CA ARG A 170 7.69 15.37 34.07
C ARG A 170 8.62 14.61 33.12
N VAL A 171 8.34 13.32 32.94
CA VAL A 171 9.11 12.47 32.05
C VAL A 171 8.99 13.02 30.63
N MET A 172 7.82 13.57 30.32
CA MET A 172 7.62 14.13 29.00
C MET A 172 8.44 15.39 28.80
N ASP A 173 8.66 16.11 29.91
CA ASP A 173 9.48 17.33 29.88
C ASP A 173 10.92 16.95 29.60
N MET A 174 11.36 15.82 30.17
CA MET A 174 12.69 15.30 29.96
C MET A 174 12.88 14.92 28.48
N LEU A 175 11.93 14.16 27.92
CA LEU A 175 12.00 13.77 26.53
C LEU A 175 12.01 15.03 25.66
N HIS A 176 11.26 16.05 26.06
CA HIS A 176 11.25 17.32 25.29
C HIS A 176 12.67 17.90 25.24
N SER A 177 13.32 17.93 26.40
CA SER A 177 14.66 18.49 26.50
C SER A 177 15.64 17.67 25.68
N MET A 178 15.27 16.44 25.37
CA MET A 178 16.13 15.59 24.55
C MET A 178 16.02 16.00 23.09
N GLY A 179 15.05 16.84 22.79
CA GLY A 179 14.86 17.29 21.42
C GLY A 179 13.42 17.41 20.89
N PRO A 180 12.62 16.33 20.94
CA PRO A 180 11.26 16.46 20.39
C PRO A 180 10.38 17.53 21.02
N ASP A 181 9.74 18.33 20.16
CA ASP A 181 8.84 19.38 20.56
C ASP A 181 7.44 18.80 20.84
N THR A 182 7.13 17.65 20.26
CA THR A 182 5.84 17.03 20.50
C THR A 182 6.04 15.64 21.05
N VAL A 183 5.49 15.40 22.24
CA VAL A 183 5.59 14.10 22.87
C VAL A 183 4.17 13.66 23.20
N VAL A 184 3.84 12.46 22.78
CA VAL A 184 2.53 11.91 23.06
C VAL A 184 2.71 10.50 23.57
N ILE A 185 2.31 10.27 24.81
CA ILE A 185 2.39 8.92 25.37
C ILE A 185 1.08 8.30 24.91
N THR A 186 1.19 7.33 24.02
CA THR A 186 0.03 6.70 23.41
C THR A 186 -0.74 5.67 24.23
N SER A 187 -0.22 5.29 25.38
CA SER A 187 -0.94 4.37 26.25
C SER A 187 -0.18 4.29 27.56
N SER A 188 -0.92 4.04 28.64
CA SER A 188 -0.36 3.93 29.97
C SER A 188 -1.31 3.25 30.95
N ASP A 189 -0.77 2.87 32.10
CA ASP A 189 -1.53 2.20 33.15
C ASP A 189 -2.17 3.24 34.06
N LEU A 190 -2.00 4.52 33.76
CA LEU A 190 -2.57 5.54 34.63
C LEU A 190 -4.05 5.29 34.96
N PRO A 191 -4.47 5.63 36.18
CA PRO A 191 -5.87 5.42 36.56
C PRO A 191 -6.81 6.48 35.99
N SER A 192 -8.05 6.11 35.72
CA SER A 192 -9.03 7.05 35.19
C SER A 192 -10.22 7.14 36.13
N PRO A 193 -10.82 8.33 36.27
CA PRO A 193 -11.97 8.50 37.16
C PRO A 193 -13.18 7.80 36.53
N GLN A 194 -13.09 7.59 35.21
CA GLN A 194 -14.13 6.96 34.42
C GLN A 194 -14.36 5.50 34.75
N GLY A 195 -13.34 4.86 35.32
CA GLY A 195 -13.49 3.47 35.65
C GLY A 195 -12.19 2.75 35.38
N SER A 196 -12.13 1.49 35.76
CA SER A 196 -10.93 0.69 35.57
C SER A 196 -10.73 0.34 34.09
N ASN A 197 -11.82 0.28 33.32
CA ASN A 197 -11.75 -0.09 31.91
C ASN A 197 -11.33 1.06 30.99
N TYR A 198 -10.25 1.75 31.38
CA TYR A 198 -9.71 2.86 30.59
C TYR A 198 -8.21 2.90 30.55
N LEU A 199 -7.69 3.48 29.46
CA LEU A 199 -6.26 3.65 29.29
C LEU A 199 -6.08 5.14 29.05
N ILE A 200 -4.97 5.69 29.53
CA ILE A 200 -4.77 7.13 29.40
C ILE A 200 -3.71 7.52 28.39
N VAL A 201 -4.02 8.56 27.61
CA VAL A 201 -3.13 9.09 26.61
C VAL A 201 -2.82 10.50 27.10
N LEU A 202 -1.54 10.86 27.05
CA LEU A 202 -1.12 12.17 27.48
C LEU A 202 -0.35 12.78 26.32
N GLY A 203 -0.52 14.08 26.12
CA GLY A 203 0.17 14.75 25.05
C GLY A 203 0.77 16.08 25.46
N SER A 204 2.00 16.33 25.02
CA SER A 204 2.67 17.58 25.35
C SER A 204 3.32 18.19 24.11
N GLN A 205 3.09 19.49 23.92
CA GLN A 205 3.65 20.14 22.76
C GLN A 205 4.23 21.51 23.10
N ARG A 206 5.51 21.66 22.79
CA ARG A 206 6.25 22.90 23.02
C ARG A 206 6.24 23.71 21.73
N ARG A 207 6.01 25.02 21.84
CA ARG A 207 5.98 25.87 20.64
C ARG A 207 6.02 27.37 20.97
N SER A 213 7.27 33.72 21.77
CA SER A 213 6.46 33.19 22.89
C SER A 213 6.50 31.65 22.95
N VAL A 214 7.33 31.12 23.85
CA VAL A 214 7.48 29.68 24.03
C VAL A 214 6.42 29.16 24.99
N VAL A 215 5.40 28.53 24.42
CA VAL A 215 4.27 28.04 25.17
C VAL A 215 4.10 26.52 25.15
N MET A 216 3.56 25.98 26.23
CA MET A 216 3.32 24.56 26.33
C MET A 216 1.81 24.30 26.24
N GLU A 217 1.45 23.17 25.66
CA GLU A 217 0.05 22.78 25.56
C GLU A 217 0.05 21.32 25.98
N ARG A 218 -0.74 20.98 26.99
CA ARG A 218 -0.80 19.62 27.49
C ARG A 218 -2.21 19.11 27.57
N ILE A 219 -2.39 17.88 27.10
CA ILE A 219 -3.70 17.28 27.07
C ILE A 219 -3.72 15.87 27.62
N ARG A 220 -4.94 15.44 27.96
CA ARG A 220 -5.16 14.11 28.49
C ARG A 220 -6.43 13.54 27.83
N MET A 221 -6.45 12.24 27.63
CA MET A 221 -7.61 11.58 27.08
C MET A 221 -7.77 10.26 27.79
N ASP A 222 -9.02 9.93 28.11
CA ASP A 222 -9.34 8.71 28.82
C ASP A 222 -10.09 7.84 27.82
N ILE A 223 -9.46 6.75 27.44
CA ILE A 223 -10.01 5.89 26.43
C ILE A 223 -10.52 4.56 26.94
N ARG A 224 -11.72 4.21 26.50
CA ARG A 224 -12.33 2.97 26.93
C ARG A 224 -11.63 1.79 26.28
N LYS A 225 -11.17 0.90 27.13
CA LYS A 225 -10.48 -0.29 26.68
C LYS A 225 -11.37 -1.34 26.01
N VAL A 226 -10.91 -1.86 24.88
CA VAL A 226 -11.63 -2.92 24.15
C VAL A 226 -10.96 -4.22 24.64
N ASP A 227 -11.78 -5.25 24.85
CA ASP A 227 -11.29 -6.51 25.36
C ASP A 227 -10.54 -7.39 24.37
N ALA A 228 -9.33 -6.96 24.00
CA ALA A 228 -8.51 -7.72 23.08
C ALA A 228 -7.21 -7.02 22.75
N VAL A 229 -6.27 -7.81 22.26
CA VAL A 229 -4.98 -7.29 21.88
C VAL A 229 -4.92 -7.05 20.38
N PHE A 230 -4.66 -5.80 20.00
CA PHE A 230 -4.55 -5.43 18.60
C PHE A 230 -3.10 -5.22 18.20
N VAL A 231 -2.81 -5.38 16.91
CA VAL A 231 -1.47 -5.19 16.39
C VAL A 231 -1.57 -4.18 15.26
N GLY A 232 -0.71 -3.17 15.29
CA GLY A 232 -0.73 -2.15 14.24
C GLY A 232 -1.30 -0.84 14.73
N THR A 233 -2.02 -0.90 15.84
CA THR A 233 -2.60 0.32 16.40
C THR A 233 -1.60 1.40 16.79
N GLY A 234 -0.46 1.01 17.36
CA GLY A 234 0.57 1.99 17.71
C GLY A 234 1.06 2.67 16.42
N ASP A 235 1.29 1.85 15.39
CA ASP A 235 1.72 2.36 14.10
C ASP A 235 0.67 3.35 13.53
N LEU A 236 -0.60 2.93 13.60
CA LEU A 236 -1.72 3.73 13.11
C LEU A 236 -1.78 5.04 13.88
N PHE A 237 -1.60 4.96 15.20
CA PHE A 237 -1.60 6.15 16.04
C PHE A 237 -0.54 7.13 15.55
N ALA A 238 0.71 6.68 15.42
CA ALA A 238 1.77 7.59 14.94
C ALA A 238 1.45 8.22 13.56
N ALA A 239 0.99 7.41 12.61
CA ALA A 239 0.68 7.92 11.27
C ALA A 239 -0.45 8.96 11.29
N MET A 240 -1.53 8.67 12.04
CA MET A 240 -2.64 9.61 12.15
C MET A 240 -2.24 10.89 12.89
N LEU A 241 -1.40 10.75 13.92
CA LEU A 241 -0.90 11.93 14.64
C LEU A 241 -0.11 12.77 13.65
N LEU A 242 0.66 12.09 12.79
CA LEU A 242 1.42 12.81 11.79
C LEU A 242 0.44 13.60 10.92
N ALA A 243 -0.62 12.94 10.43
CA ALA A 243 -1.57 13.64 9.56
C ALA A 243 -2.34 14.76 10.23
N TRP A 244 -2.80 14.54 11.45
CA TRP A 244 -3.58 15.56 12.12
C TRP A 244 -2.75 16.71 12.70
N THR A 245 -1.53 16.46 13.14
CA THR A 245 -0.74 17.60 13.63
C THR A 245 -0.43 18.43 12.38
N HIS A 246 -0.37 17.76 11.22
CA HIS A 246 -0.10 18.47 9.98
C HIS A 246 -1.23 19.46 9.64
N LYS A 247 -2.48 19.00 9.73
CA LYS A 247 -3.63 19.88 9.43
C LYS A 247 -3.97 20.86 10.54
N HIS A 248 -3.51 20.55 11.76
CA HIS A 248 -3.76 21.37 12.94
C HIS A 248 -2.47 21.61 13.72
N PRO A 249 -1.57 22.43 13.16
CA PRO A 249 -0.33 22.73 13.87
C PRO A 249 -0.75 23.66 14.99
N ASN A 250 -0.05 23.64 16.12
CA ASN A 250 -0.44 24.53 17.22
C ASN A 250 -1.85 24.22 17.78
N ASN A 251 -2.30 22.97 17.63
CA ASN A 251 -3.57 22.56 18.20
C ASN A 251 -3.51 21.06 18.50
N LEU A 252 -2.67 20.76 19.47
CA LEU A 252 -2.44 19.41 19.90
C LEU A 252 -3.73 18.73 20.31
N LYS A 253 -4.63 19.53 20.89
CA LYS A 253 -5.91 19.04 21.37
C LYS A 253 -6.68 18.34 20.26
N VAL A 254 -7.01 19.09 19.21
CA VAL A 254 -7.77 18.55 18.09
C VAL A 254 -7.02 17.41 17.38
N ALA A 255 -5.74 17.62 17.15
CA ALA A 255 -4.93 16.61 16.48
C ALA A 255 -5.07 15.29 17.21
N CYS A 256 -5.01 15.35 18.54
CA CYS A 256 -5.12 14.13 19.33
C CYS A 256 -6.53 13.57 19.35
N GLU A 257 -7.52 14.44 19.26
CA GLU A 257 -8.89 13.94 19.26
C GLU A 257 -9.24 13.22 17.97
N LYS A 258 -8.75 13.72 16.84
CA LYS A 258 -9.02 13.06 15.57
C LYS A 258 -8.26 11.73 15.49
N THR A 259 -7.05 11.71 16.01
CA THR A 259 -6.20 10.52 15.98
C THR A 259 -6.83 9.41 16.80
N VAL A 260 -7.15 9.71 18.05
CA VAL A 260 -7.78 8.74 18.93
C VAL A 260 -9.18 8.35 18.42
N SER A 261 -9.95 9.31 17.93
CA SER A 261 -11.28 8.97 17.41
C SER A 261 -11.14 8.04 16.23
N THR A 262 -10.16 8.30 15.37
CA THR A 262 -9.96 7.43 14.21
C THR A 262 -9.66 6.01 14.71
N LEU A 263 -8.81 5.89 15.73
CA LEU A 263 -8.49 4.58 16.29
C LEU A 263 -9.80 3.96 16.83
N HIS A 264 -10.61 4.75 17.54
CA HIS A 264 -11.88 4.26 18.08
C HIS A 264 -12.73 3.57 16.97
N HIS A 265 -13.05 4.30 15.90
CA HIS A 265 -13.85 3.73 14.83
C HIS A 265 -13.23 2.46 14.23
N VAL A 266 -11.93 2.49 13.95
CA VAL A 266 -11.29 1.31 13.41
C VAL A 266 -11.43 0.12 14.37
N LEU A 267 -11.09 0.32 15.63
CA LEU A 267 -11.19 -0.79 16.58
C LEU A 267 -12.63 -1.20 16.83
N GLN A 268 -13.54 -0.24 16.87
CA GLN A 268 -14.93 -0.56 17.09
C GLN A 268 -15.38 -1.48 15.95
N ARG A 269 -15.06 -1.09 14.73
CA ARG A 269 -15.41 -1.89 13.56
C ARG A 269 -14.71 -3.23 13.58
N THR A 270 -13.46 -3.24 14.06
CA THR A 270 -12.67 -4.47 14.11
C THR A 270 -13.15 -5.47 15.16
N ILE A 271 -13.49 -5.01 16.34
CA ILE A 271 -13.90 -5.98 17.35
C ILE A 271 -15.26 -6.58 16.98
N GLN A 272 -16.13 -5.79 16.35
CA GLN A 272 -17.43 -6.35 15.96
C GLN A 272 -17.21 -7.51 14.99
N CYS A 273 -16.54 -7.25 13.87
CA CYS A 273 -16.30 -8.31 12.92
C CYS A 273 -15.59 -9.50 13.57
N ALA A 274 -14.58 -9.22 14.39
CA ALA A 274 -13.84 -10.31 15.04
C ALA A 274 -14.79 -11.26 15.76
N LYS A 275 -15.75 -10.71 16.50
CA LYS A 275 -16.74 -11.50 17.24
C LYS A 275 -17.64 -12.30 16.33
N ALA A 276 -18.35 -11.62 15.44
CA ALA A 276 -19.24 -12.29 14.50
C ALA A 276 -18.54 -13.53 13.95
N GLN A 277 -17.25 -13.40 13.61
CA GLN A 277 -16.48 -14.50 13.07
C GLN A 277 -16.16 -15.55 14.13
N ALA A 278 -15.70 -15.10 15.30
CA ALA A 278 -15.33 -16.02 16.36
C ALA A 278 -16.54 -16.73 16.92
N GLY A 279 -17.63 -15.99 17.05
CA GLY A 279 -18.86 -16.54 17.61
C GLY A 279 -18.95 -16.12 19.06
N GLU A 280 -20.17 -16.03 19.58
CA GLU A 280 -20.38 -15.63 20.97
C GLU A 280 -19.52 -16.36 21.99
N GLY A 281 -18.94 -15.59 22.90
CA GLY A 281 -18.12 -16.15 23.96
C GLY A 281 -16.75 -16.68 23.57
N VAL A 282 -16.42 -16.62 22.28
CA VAL A 282 -15.12 -17.11 21.86
C VAL A 282 -14.20 -15.93 21.58
N ARG A 283 -12.99 -15.95 22.15
CA ARG A 283 -12.03 -14.88 21.90
C ARG A 283 -11.49 -14.98 20.48
N PRO A 284 -11.63 -13.86 19.74
CA PRO A 284 -11.17 -13.74 18.36
C PRO A 284 -9.69 -14.02 18.29
N SER A 285 -9.29 -14.69 17.23
CA SER A 285 -7.88 -15.01 17.00
C SER A 285 -7.19 -13.78 16.45
N PRO A 286 -5.85 -13.81 16.32
CA PRO A 286 -5.13 -12.66 15.79
C PRO A 286 -5.64 -12.35 14.39
N MET A 287 -5.93 -13.39 13.62
CA MET A 287 -6.42 -13.22 12.25
C MET A 287 -7.72 -12.44 12.24
N GLN A 288 -8.62 -12.81 13.12
CA GLN A 288 -9.91 -12.15 13.18
C GLN A 288 -9.80 -10.74 13.72
N LEU A 289 -8.70 -10.46 14.42
CA LEU A 289 -8.44 -9.14 15.02
C LEU A 289 -7.64 -8.14 14.16
N GLU A 290 -7.33 -8.51 12.92
CA GLU A 290 -6.61 -7.64 12.01
C GLU A 290 -7.47 -6.41 11.79
N LEU A 291 -6.84 -5.25 11.79
CA LEU A 291 -7.58 -4.01 11.62
C LEU A 291 -8.47 -4.00 10.37
N ARG A 292 -9.69 -3.53 10.53
CA ARG A 292 -10.58 -3.41 9.38
C ARG A 292 -10.24 -2.07 8.78
N MET A 293 -9.07 -2.03 8.16
CA MET A 293 -8.55 -0.81 7.56
C MET A 293 -9.30 -0.24 6.35
N VAL A 294 -9.45 -1.04 5.29
CA VAL A 294 -10.12 -0.52 4.10
C VAL A 294 -11.57 -0.18 4.38
N GLN A 295 -12.23 -0.94 5.26
CA GLN A 295 -13.61 -0.66 5.61
C GLN A 295 -13.77 0.62 6.46
N SER A 296 -12.67 1.17 6.96
CA SER A 296 -12.72 2.39 7.79
C SER A 296 -12.36 3.65 7.04
N LYS A 297 -12.31 3.57 5.72
CA LYS A 297 -11.93 4.71 4.89
C LYS A 297 -12.65 6.01 5.26
N ARG A 298 -13.98 5.97 5.39
CA ARG A 298 -14.71 7.19 5.71
C ARG A 298 -14.36 7.73 7.10
N ASP A 299 -14.04 6.84 8.03
CA ASP A 299 -13.68 7.25 9.38
C ASP A 299 -12.31 7.91 9.39
N ILE A 300 -11.42 7.45 8.51
CA ILE A 300 -10.09 8.04 8.43
C ILE A 300 -10.16 9.46 7.78
N GLU A 301 -11.01 9.62 6.76
CA GLU A 301 -11.16 10.90 6.07
C GLU A 301 -11.71 11.99 6.96
N ASP A 302 -12.73 11.67 7.75
CA ASP A 302 -13.37 12.64 8.62
C ASP A 302 -13.89 11.88 9.82
N PRO A 303 -13.06 11.73 10.85
CA PRO A 303 -13.56 10.98 12.00
C PRO A 303 -14.52 11.76 12.89
N GLU A 304 -15.58 11.08 13.32
CA GLU A 304 -16.54 11.72 14.21
C GLU A 304 -15.81 11.73 15.54
N ILE A 305 -15.62 12.91 16.12
CA ILE A 305 -14.93 13.00 17.39
C ILE A 305 -15.75 12.37 18.49
N VAL A 306 -15.27 11.27 19.07
CA VAL A 306 -16.02 10.63 20.11
C VAL A 306 -15.30 10.67 21.45
N VAL A 307 -14.28 11.52 21.52
CA VAL A 307 -13.51 11.70 22.74
C VAL A 307 -13.00 13.14 22.82
N GLN A 308 -13.37 13.84 23.90
CA GLN A 308 -12.88 15.19 24.07
C GLN A 308 -11.62 14.99 24.91
N ALA A 309 -10.59 15.77 24.62
CA ALA A 309 -9.35 15.68 25.37
C ALA A 309 -9.37 16.79 26.40
N THR A 310 -8.87 16.51 27.61
CA THR A 310 -8.83 17.54 28.64
C THR A 310 -7.49 18.29 28.60
N VAL A 311 -7.59 19.61 28.75
CA VAL A 311 -6.44 20.49 28.74
C VAL A 311 -5.83 20.61 30.12
N LEU A 312 -4.66 20.01 30.30
CA LEU A 312 -3.97 20.06 31.58
C LEU A 312 -3.24 21.38 31.70
N GLU B 4 -16.39 -9.97 2.20
CA GLU B 4 -15.02 -9.44 1.96
C GLU B 4 -14.38 -10.10 0.74
N CYS B 5 -13.69 -9.31 -0.06
CA CYS B 5 -13.05 -9.82 -1.26
C CYS B 5 -11.53 -9.73 -1.16
N ARG B 6 -10.87 -10.87 -1.06
CA ARG B 6 -9.41 -10.92 -0.93
C ARG B 6 -8.60 -11.09 -2.21
N VAL B 7 -7.64 -10.18 -2.40
CA VAL B 7 -6.80 -10.22 -3.60
C VAL B 7 -5.34 -10.39 -3.21
N LEU B 8 -4.65 -11.31 -3.87
CA LEU B 8 -3.21 -11.49 -3.61
C LEU B 8 -2.52 -10.90 -4.83
N SER B 9 -1.84 -9.77 -4.66
CA SER B 9 -1.19 -9.14 -5.81
C SER B 9 0.31 -9.21 -5.71
N ILE B 10 0.90 -9.95 -6.65
CA ILE B 10 2.33 -10.15 -6.71
C ILE B 10 2.90 -9.31 -7.83
N GLN B 11 3.51 -8.18 -7.45
CA GLN B 11 4.07 -7.24 -8.41
C GLN B 11 5.16 -6.43 -7.77
N SER B 12 5.77 -5.55 -8.57
CA SER B 12 6.84 -4.75 -8.03
C SER B 12 6.45 -3.58 -7.14
N HIS B 13 7.37 -3.22 -6.25
CA HIS B 13 7.17 -2.09 -5.36
C HIS B 13 8.29 -1.08 -5.59
N VAL B 14 7.95 0.20 -5.57
CA VAL B 14 8.91 1.26 -5.70
C VAL B 14 8.68 2.19 -4.52
N ILE B 15 9.74 2.87 -4.08
CA ILE B 15 9.66 3.81 -2.97
C ILE B 15 8.89 5.04 -3.43
N ARG B 16 9.40 5.66 -4.49
CA ARG B 16 8.79 6.83 -5.10
C ARG B 16 8.01 6.42 -6.38
N GLY B 17 6.83 7.00 -6.57
CA GLY B 17 6.05 6.75 -7.76
C GLY B 17 4.98 5.67 -7.71
N TYR B 18 4.29 5.49 -8.83
CA TYR B 18 3.21 4.49 -8.87
C TYR B 18 3.23 3.50 -10.04
N VAL B 19 3.81 2.33 -9.81
CA VAL B 19 3.85 1.26 -10.81
C VAL B 19 3.73 -0.04 -10.02
N GLY B 20 3.46 -1.15 -10.70
CA GLY B 20 3.34 -2.39 -9.98
C GLY B 20 2.34 -2.28 -8.86
N ASN B 21 2.66 -2.90 -7.73
CA ASN B 21 1.80 -2.88 -6.57
C ASN B 21 1.45 -1.49 -6.05
N ARG B 22 2.22 -0.48 -6.42
CA ARG B 22 1.96 0.90 -6.01
C ARG B 22 0.83 1.52 -6.85
N ALA B 23 0.73 1.10 -8.11
CA ALA B 23 -0.36 1.57 -8.98
C ALA B 23 -1.67 0.80 -8.71
N ALA B 24 -1.55 -0.45 -8.31
CA ALA B 24 -2.70 -1.33 -8.07
C ALA B 24 -3.31 -1.33 -6.68
N THR B 25 -2.48 -1.15 -5.65
CA THR B 25 -2.96 -1.26 -4.28
C THR B 25 -3.86 -0.17 -3.75
N PHE B 26 -3.43 1.08 -3.79
CA PHE B 26 -4.28 2.15 -3.29
C PHE B 26 -5.68 2.21 -3.92
N PRO B 27 -5.77 2.08 -5.26
CA PRO B 27 -7.09 2.13 -5.91
C PRO B 27 -7.95 0.95 -5.49
N LEU B 28 -7.39 -0.25 -5.46
CA LEU B 28 -8.21 -1.37 -5.02
C LEU B 28 -8.68 -1.24 -3.56
N GLN B 29 -7.83 -0.67 -2.70
CA GLN B 29 -8.18 -0.50 -1.30
C GLN B 29 -9.29 0.56 -1.20
N VAL B 30 -9.18 1.58 -2.02
CA VAL B 30 -10.17 2.60 -2.02
C VAL B 30 -11.53 1.95 -2.36
N LEU B 31 -11.50 0.95 -3.25
CA LEU B 31 -12.72 0.27 -3.67
C LEU B 31 -13.22 -0.83 -2.75
N GLY B 32 -12.56 -0.99 -1.60
CA GLY B 32 -13.04 -1.98 -0.65
C GLY B 32 -12.43 -3.36 -0.72
N PHE B 33 -11.42 -3.55 -1.55
CA PHE B 33 -10.82 -4.87 -1.68
C PHE B 33 -9.74 -5.10 -0.62
N GLU B 34 -9.72 -6.31 -0.04
CA GLU B 34 -8.70 -6.68 0.94
C GLU B 34 -7.56 -7.18 0.06
N ILE B 35 -6.73 -6.26 -0.39
CA ILE B 35 -5.63 -6.65 -1.25
C ILE B 35 -4.31 -6.79 -0.49
N ASP B 36 -3.72 -7.97 -0.60
CA ASP B 36 -2.46 -8.28 0.03
C ASP B 36 -1.41 -8.15 -1.06
N ALA B 37 -0.41 -7.31 -0.81
CA ALA B 37 0.64 -7.07 -1.77
C ALA B 37 1.93 -7.84 -1.51
N VAL B 38 2.30 -8.69 -2.45
CA VAL B 38 3.55 -9.41 -2.34
C VAL B 38 4.47 -8.60 -3.28
N ASN B 39 5.46 -7.91 -2.71
CA ASN B 39 6.38 -7.11 -3.53
C ASN B 39 7.49 -7.95 -4.16
N SER B 40 7.42 -8.10 -5.48
CA SER B 40 8.37 -8.93 -6.19
C SER B 40 9.74 -8.28 -6.35
N VAL B 41 9.78 -6.96 -6.17
CA VAL B 41 11.02 -6.19 -6.17
C VAL B 41 10.78 -4.93 -5.32
N GLN B 42 11.86 -4.31 -4.86
CA GLN B 42 11.73 -3.08 -4.10
C GLN B 42 12.80 -2.18 -4.68
N PHE B 43 12.37 -1.20 -5.46
CA PHE B 43 13.27 -0.27 -6.11
C PHE B 43 12.98 1.16 -5.65
N SER B 44 13.94 2.05 -5.90
CA SER B 44 13.80 3.44 -5.48
C SER B 44 12.72 4.12 -6.31
N ASN B 45 12.60 3.67 -7.56
CA ASN B 45 11.64 4.23 -8.47
C ASN B 45 11.56 3.29 -9.68
N HIS B 46 10.70 3.61 -10.63
CA HIS B 46 10.61 2.71 -11.78
C HIS B 46 11.84 2.88 -12.70
N THR B 47 12.16 1.83 -13.43
CA THR B 47 13.34 1.81 -14.29
C THR B 47 13.37 2.74 -15.49
N GLY B 48 12.36 3.60 -15.60
CA GLY B 48 12.34 4.51 -16.73
C GLY B 48 13.01 5.83 -16.38
N TYR B 49 13.49 5.94 -15.15
CA TYR B 49 14.20 7.15 -14.69
C TYR B 49 15.66 7.00 -15.06
N ALA B 50 16.42 8.09 -14.98
CA ALA B 50 17.84 8.05 -15.33
C ALA B 50 18.53 7.03 -14.45
N HIS B 51 18.17 7.02 -13.16
CA HIS B 51 18.78 6.08 -12.22
C HIS B 51 17.68 5.39 -11.47
N TRP B 52 18.05 4.25 -10.92
CA TRP B 52 17.17 3.46 -10.11
C TRP B 52 18.01 2.35 -9.42
N LYS B 53 17.74 2.10 -8.14
CA LYS B 53 18.46 1.03 -7.43
C LYS B 53 17.44 0.25 -6.63
N GLY B 54 17.83 -0.96 -6.19
CA GLY B 54 16.91 -1.74 -5.40
C GLY B 54 17.27 -3.21 -5.39
N GLN B 55 16.43 -4.03 -4.77
CA GLN B 55 16.64 -5.47 -4.67
C GLN B 55 15.44 -6.25 -5.25
N VAL B 56 15.62 -7.52 -5.56
CA VAL B 56 14.51 -8.29 -6.12
C VAL B 56 14.21 -9.48 -5.21
N LEU B 57 13.01 -10.02 -5.37
CA LEU B 57 12.59 -11.18 -4.59
C LEU B 57 12.88 -12.41 -5.47
N ASN B 58 13.48 -13.46 -4.92
CA ASN B 58 13.73 -14.63 -5.74
C ASN B 58 12.64 -15.63 -5.44
N SER B 59 12.48 -16.59 -6.34
CA SER B 59 11.45 -17.64 -6.21
C SER B 59 11.43 -18.36 -4.86
N ASP B 60 12.58 -18.50 -4.22
CA ASP B 60 12.67 -19.17 -2.93
C ASP B 60 12.03 -18.34 -1.84
N GLU B 61 12.34 -17.04 -1.85
CA GLU B 61 11.76 -16.14 -0.84
C GLU B 61 10.25 -16.03 -1.05
N LEU B 62 9.82 -16.08 -2.31
CA LEU B 62 8.40 -16.01 -2.61
C LEU B 62 7.76 -17.25 -2.03
N GLN B 63 8.41 -18.39 -2.25
CA GLN B 63 7.89 -19.64 -1.74
C GLN B 63 7.80 -19.58 -0.23
N GLU B 64 8.84 -19.03 0.41
CA GLU B 64 8.87 -18.90 1.86
C GLU B 64 7.75 -18.01 2.36
N LEU B 65 7.57 -16.85 1.72
CA LEU B 65 6.50 -15.92 2.12
C LEU B 65 5.16 -16.63 2.00
N TYR B 66 5.01 -17.45 0.98
CA TYR B 66 3.77 -18.19 0.80
C TYR B 66 3.59 -19.28 1.86
N GLU B 67 4.71 -19.91 2.25
CA GLU B 67 4.68 -20.96 3.26
C GLU B 67 4.13 -20.38 4.56
N GLY B 68 4.52 -19.15 4.87
CA GLY B 68 4.03 -18.47 6.05
C GLY B 68 2.51 -18.29 6.00
N LEU B 69 1.98 -17.85 4.87
CA LEU B 69 0.53 -17.66 4.77
C LEU B 69 -0.14 -19.03 4.98
N ARG B 70 0.41 -20.04 4.33
CA ARG B 70 -0.11 -21.39 4.42
C ARG B 70 -0.03 -21.98 5.82
N LEU B 71 1.08 -21.76 6.49
CA LEU B 71 1.24 -22.28 7.84
C LEU B 71 0.15 -21.72 8.75
N ASN B 72 -0.35 -20.53 8.44
CA ASN B 72 -1.39 -19.92 9.24
C ASN B 72 -2.76 -20.08 8.61
N ASN B 73 -2.85 -20.85 7.55
CA ASN B 73 -4.13 -21.06 6.89
C ASN B 73 -4.70 -19.76 6.31
N MET B 74 -3.83 -18.87 5.82
CA MET B 74 -4.26 -17.60 5.22
C MET B 74 -4.13 -17.64 3.69
N ASN B 75 -4.09 -18.85 3.13
CA ASN B 75 -3.99 -19.02 1.68
C ASN B 75 -5.38 -19.30 1.09
N LYS B 76 -6.27 -18.33 1.30
CA LYS B 76 -7.62 -18.42 0.82
C LYS B 76 -7.89 -17.06 0.18
N TYR B 77 -7.89 -17.03 -1.14
CA TYR B 77 -8.09 -15.80 -1.87
C TYR B 77 -9.20 -15.90 -2.90
N ASP B 78 -9.81 -14.77 -3.19
CA ASP B 78 -10.85 -14.67 -4.19
C ASP B 78 -10.25 -14.32 -5.53
N TYR B 79 -9.17 -13.55 -5.49
CA TYR B 79 -8.46 -13.12 -6.68
C TYR B 79 -6.96 -13.16 -6.51
N VAL B 80 -6.27 -13.33 -7.64
CA VAL B 80 -4.83 -13.27 -7.70
C VAL B 80 -4.57 -12.33 -8.88
N LEU B 81 -3.61 -11.45 -8.68
CA LEU B 81 -3.27 -10.46 -9.68
C LEU B 81 -1.73 -10.47 -9.82
N THR B 82 -1.26 -10.65 -11.06
CA THR B 82 0.18 -10.64 -11.37
C THR B 82 0.41 -9.71 -12.56
N GLY B 83 1.60 -9.16 -12.63
CA GLY B 83 1.92 -8.28 -13.73
C GLY B 83 3.36 -8.50 -14.14
N TYR B 84 4.08 -7.40 -14.35
CA TYR B 84 5.46 -7.47 -14.77
C TYR B 84 6.29 -8.41 -13.90
N THR B 85 6.73 -9.51 -14.48
CA THR B 85 7.55 -10.51 -13.79
C THR B 85 8.82 -10.62 -14.61
N ARG B 86 9.97 -10.57 -13.96
CA ARG B 86 11.22 -10.57 -14.69
C ARG B 86 11.95 -11.89 -14.78
N ASP B 87 11.63 -12.79 -13.88
CA ASP B 87 12.33 -14.04 -13.85
C ASP B 87 11.46 -15.30 -14.02
N LYS B 88 11.93 -16.18 -14.90
CA LYS B 88 11.27 -17.43 -15.22
C LYS B 88 11.03 -18.34 -14.01
N SER B 89 12.03 -18.55 -13.15
CA SER B 89 11.80 -19.41 -11.96
C SER B 89 10.78 -18.75 -11.03
N PHE B 90 10.69 -17.43 -11.10
CA PHE B 90 9.76 -16.69 -10.26
C PHE B 90 8.37 -16.97 -10.82
N LEU B 91 8.21 -16.73 -12.12
CA LEU B 91 6.95 -16.98 -12.81
C LEU B 91 6.47 -18.43 -12.59
N ALA B 92 7.38 -19.39 -12.62
CA ALA B 92 7.00 -20.77 -12.39
C ALA B 92 6.51 -20.93 -10.95
N MET B 93 7.14 -20.20 -10.02
CA MET B 93 6.74 -20.28 -8.61
C MET B 93 5.35 -19.65 -8.46
N VAL B 94 5.11 -18.56 -9.20
CA VAL B 94 3.81 -17.87 -9.18
C VAL B 94 2.77 -18.85 -9.70
N VAL B 95 3.12 -19.60 -10.74
CA VAL B 95 2.18 -20.57 -11.31
C VAL B 95 1.81 -21.63 -10.28
N ASP B 96 2.79 -22.18 -9.58
CA ASP B 96 2.50 -23.20 -8.57
C ASP B 96 1.61 -22.63 -7.46
N ILE B 97 1.84 -21.36 -7.13
CA ILE B 97 1.06 -20.74 -6.07
C ILE B 97 -0.39 -20.60 -6.51
N VAL B 98 -0.61 -20.06 -7.70
CA VAL B 98 -1.97 -19.89 -8.21
C VAL B 98 -2.70 -21.24 -8.29
N GLN B 99 -1.97 -22.32 -8.60
CA GLN B 99 -2.63 -23.62 -8.69
C GLN B 99 -3.15 -24.04 -7.33
N GLU B 100 -2.30 -23.98 -6.32
CA GLU B 100 -2.73 -24.37 -5.00
C GLU B 100 -3.87 -23.49 -4.49
N LEU B 101 -3.80 -22.19 -4.77
CA LEU B 101 -4.86 -21.29 -4.35
C LEU B 101 -6.17 -21.68 -5.03
N LYS B 102 -6.09 -22.01 -6.31
CA LYS B 102 -7.29 -22.40 -7.04
C LYS B 102 -7.85 -23.71 -6.47
N GLN B 103 -6.98 -24.53 -5.92
CA GLN B 103 -7.40 -25.79 -5.34
C GLN B 103 -8.06 -25.49 -4.01
N GLN B 104 -7.52 -24.52 -3.30
CA GLN B 104 -8.10 -24.10 -2.04
C GLN B 104 -9.44 -23.44 -2.29
N ASN B 105 -9.57 -22.77 -3.43
CA ASN B 105 -10.80 -22.08 -3.81
C ASN B 105 -11.01 -22.08 -5.30
N PRO B 106 -11.84 -23.02 -5.78
CA PRO B 106 -12.13 -23.15 -7.21
C PRO B 106 -12.78 -21.93 -7.86
N ARG B 107 -13.27 -21.00 -7.05
CA ARG B 107 -13.92 -19.82 -7.63
C ARG B 107 -12.92 -18.69 -7.76
N LEU B 108 -11.68 -18.95 -7.36
CA LEU B 108 -10.66 -17.93 -7.45
C LEU B 108 -10.48 -17.46 -8.88
N VAL B 109 -10.41 -16.14 -9.03
CA VAL B 109 -10.24 -15.56 -10.35
C VAL B 109 -8.78 -15.08 -10.48
N TYR B 110 -8.07 -15.59 -11.48
CA TYR B 110 -6.68 -15.18 -11.69
C TYR B 110 -6.64 -14.11 -12.78
N VAL B 111 -6.30 -12.88 -12.40
CA VAL B 111 -6.20 -11.76 -13.33
C VAL B 111 -4.72 -11.66 -13.66
N CYS B 112 -4.38 -11.96 -14.90
CA CYS B 112 -2.99 -11.92 -15.33
C CYS B 112 -2.65 -10.91 -16.39
N ASP B 113 -1.73 -10.01 -16.04
CA ASP B 113 -1.25 -9.07 -17.03
C ASP B 113 0.05 -9.76 -17.51
N PRO B 114 0.04 -10.32 -18.74
CA PRO B 114 1.20 -11.02 -19.32
C PRO B 114 2.21 -10.01 -19.91
N VAL B 115 2.92 -9.33 -19.02
CA VAL B 115 3.87 -8.31 -19.43
C VAL B 115 5.07 -8.91 -20.15
N LEU B 116 5.19 -8.59 -21.43
CA LEU B 116 6.28 -9.11 -22.24
C LEU B 116 7.06 -8.03 -22.96
N GLY B 117 6.39 -6.93 -23.34
CA GLY B 117 7.07 -5.88 -24.06
C GLY B 117 6.04 -4.90 -24.61
N ASP B 118 6.42 -4.09 -25.59
CA ASP B 118 5.49 -3.14 -26.14
C ASP B 118 6.05 -2.64 -27.46
N LYS B 119 5.33 -1.72 -28.10
CA LYS B 119 5.71 -1.16 -29.38
C LYS B 119 6.08 0.30 -29.20
N TRP B 120 7.25 0.68 -29.69
CA TRP B 120 7.72 2.06 -29.61
C TRP B 120 7.66 2.59 -31.04
N ASP B 121 6.62 3.38 -31.27
CA ASP B 121 6.28 3.92 -32.58
C ASP B 121 5.86 2.70 -33.39
N GLY B 122 6.54 2.45 -34.49
CA GLY B 122 6.18 1.30 -35.31
C GLY B 122 6.69 -0.02 -34.79
N GLU B 123 7.97 -0.09 -34.46
CA GLU B 123 8.57 -1.34 -33.97
C GLU B 123 8.32 -1.74 -32.50
N GLY B 124 8.21 -3.04 -32.27
CA GLY B 124 7.97 -3.55 -30.94
C GLY B 124 9.09 -4.48 -30.48
N SER B 125 9.33 -4.54 -29.18
CA SER B 125 10.38 -5.41 -28.68
C SER B 125 10.09 -5.81 -27.24
N MET B 126 10.65 -6.93 -26.82
CA MET B 126 10.43 -7.43 -25.48
C MET B 126 11.30 -6.76 -24.43
N TYR B 127 10.81 -6.75 -23.21
CA TYR B 127 11.59 -6.21 -22.12
C TYR B 127 11.50 -7.10 -20.89
N VAL B 128 11.52 -8.38 -21.19
CA VAL B 128 11.43 -9.42 -20.20
C VAL B 128 12.21 -10.56 -20.84
N PRO B 129 12.78 -11.47 -20.05
CA PRO B 129 13.51 -12.56 -20.72
C PRO B 129 12.63 -13.35 -21.69
N GLU B 130 13.13 -13.56 -22.90
CA GLU B 130 12.40 -14.31 -23.92
C GLU B 130 11.95 -15.69 -23.45
N ASP B 131 12.69 -16.29 -22.52
CA ASP B 131 12.33 -17.62 -22.06
C ASP B 131 11.10 -17.58 -21.16
N LEU B 132 10.50 -16.40 -21.01
CA LEU B 132 9.29 -16.28 -20.21
C LEU B 132 8.09 -16.56 -21.11
N LEU B 133 8.18 -16.18 -22.38
CA LEU B 133 7.07 -16.39 -23.32
C LEU B 133 6.53 -17.83 -23.37
N PRO B 134 7.42 -18.84 -23.31
CA PRO B 134 6.85 -20.20 -23.34
C PRO B 134 6.11 -20.54 -22.06
N VAL B 135 6.62 -20.02 -20.94
CA VAL B 135 5.99 -20.27 -19.65
C VAL B 135 4.59 -19.64 -19.65
N TYR B 136 4.50 -18.40 -20.14
CA TYR B 136 3.21 -17.72 -20.23
C TYR B 136 2.27 -18.51 -21.12
N LYS B 137 2.74 -18.92 -22.29
CA LYS B 137 1.92 -19.66 -23.23
C LYS B 137 1.35 -20.97 -22.72
N GLU B 138 2.18 -21.77 -22.05
CA GLU B 138 1.79 -23.11 -21.58
C GLU B 138 1.43 -23.27 -20.13
N LYS B 139 1.88 -22.38 -19.30
CA LYS B 139 1.60 -22.48 -17.88
C LYS B 139 0.70 -21.39 -17.30
N VAL B 140 0.99 -20.14 -17.59
CA VAL B 140 0.23 -19.04 -17.01
C VAL B 140 -1.12 -18.72 -17.62
N VAL B 141 -1.15 -18.42 -18.90
CA VAL B 141 -2.38 -18.07 -19.56
C VAL B 141 -3.47 -19.15 -19.40
N PRO B 142 -3.10 -20.44 -19.42
CA PRO B 142 -4.09 -21.50 -19.26
C PRO B 142 -4.77 -21.47 -17.88
N LEU B 143 -4.07 -20.89 -16.90
CA LEU B 143 -4.57 -20.77 -15.52
C LEU B 143 -5.30 -19.45 -15.32
N ALA B 144 -5.12 -18.52 -16.25
CA ALA B 144 -5.75 -17.20 -16.14
C ALA B 144 -7.22 -17.14 -16.55
N ASP B 145 -7.99 -16.33 -15.84
CA ASP B 145 -9.40 -16.17 -16.12
C ASP B 145 -9.59 -14.83 -16.81
N ILE B 146 -8.70 -13.89 -16.52
CA ILE B 146 -8.73 -12.58 -17.16
C ILE B 146 -7.31 -12.16 -17.53
N ILE B 147 -7.07 -11.86 -18.81
CA ILE B 147 -5.74 -11.38 -19.21
C ILE B 147 -5.87 -10.00 -19.84
N THR B 148 -4.83 -9.20 -19.71
CA THR B 148 -4.85 -7.83 -20.23
C THR B 148 -3.62 -7.54 -21.09
N PRO B 149 -3.44 -8.24 -22.22
CA PRO B 149 -2.23 -7.90 -22.97
C PRO B 149 -2.34 -6.63 -23.83
N ASN B 150 -1.19 -6.00 -24.14
CA ASN B 150 -1.25 -4.88 -25.07
C ASN B 150 -1.18 -5.56 -26.45
N GLN B 151 -1.19 -4.80 -27.52
CA GLN B 151 -1.17 -5.41 -28.86
C GLN B 151 0.03 -6.33 -29.09
N PHE B 152 1.22 -5.85 -28.73
CA PHE B 152 2.45 -6.61 -28.90
C PHE B 152 2.41 -7.94 -28.13
N GLU B 153 1.79 -7.94 -26.97
CA GLU B 153 1.72 -9.15 -26.18
C GLU B 153 0.71 -10.17 -26.71
N ALA B 154 -0.40 -9.66 -27.24
CA ALA B 154 -1.43 -10.56 -27.81
C ALA B 154 -0.81 -11.22 -29.05
N GLU B 155 0.06 -10.49 -29.73
CA GLU B 155 0.74 -11.00 -30.90
C GLU B 155 1.76 -12.05 -30.48
N LEU B 156 2.52 -11.78 -29.41
CA LEU B 156 3.51 -12.75 -28.96
C LEU B 156 2.86 -14.02 -28.47
N LEU B 157 1.79 -13.87 -27.69
CA LEU B 157 1.05 -15.00 -27.15
C LEU B 157 0.32 -15.85 -28.17
N SER B 158 -0.24 -15.19 -29.19
CA SER B 158 -0.98 -15.88 -30.24
C SER B 158 -0.08 -16.36 -31.37
N GLY B 159 1.07 -15.72 -31.54
CA GLY B 159 1.94 -16.11 -32.63
C GLY B 159 1.48 -15.49 -33.96
N ARG B 160 0.55 -14.53 -33.92
CA ARG B 160 0.03 -13.90 -35.14
C ARG B 160 0.21 -12.41 -35.01
N LYS B 161 0.39 -11.72 -36.13
CA LYS B 161 0.54 -10.27 -36.12
C LYS B 161 -0.86 -9.70 -36.20
N ILE B 162 -1.07 -8.51 -35.66
CA ILE B 162 -2.39 -7.90 -35.71
C ILE B 162 -2.33 -6.60 -36.48
N HIS B 163 -3.01 -6.55 -37.63
CA HIS B 163 -2.99 -5.35 -38.45
C HIS B 163 -4.34 -4.70 -38.54
N SER B 164 -5.37 -5.39 -38.04
CA SER B 164 -6.73 -4.86 -38.11
C SER B 164 -7.62 -5.35 -37.00
N GLN B 165 -8.80 -4.73 -36.91
CA GLN B 165 -9.77 -5.13 -35.90
C GLN B 165 -10.05 -6.62 -36.06
N GLU B 166 -10.28 -7.06 -37.29
CA GLU B 166 -10.56 -8.48 -37.54
C GLU B 166 -9.45 -9.41 -37.06
N GLU B 167 -8.20 -9.05 -37.30
CA GLU B 167 -7.12 -9.92 -36.83
C GLU B 167 -7.05 -9.93 -35.30
N ALA B 168 -7.34 -8.78 -34.70
CA ALA B 168 -7.34 -8.67 -33.24
C ALA B 168 -8.40 -9.61 -32.65
N LEU B 169 -9.61 -9.57 -33.20
CA LEU B 169 -10.68 -10.46 -32.68
C LEU B 169 -10.33 -11.95 -32.80
N ARG B 170 -9.63 -12.32 -33.87
CA ARG B 170 -9.25 -13.70 -34.06
C ARG B 170 -8.20 -14.06 -33.01
N VAL B 171 -7.25 -13.15 -32.75
CA VAL B 171 -6.26 -13.49 -31.75
C VAL B 171 -7.00 -13.53 -30.42
N MET B 172 -7.99 -12.65 -30.24
CA MET B 172 -8.72 -12.72 -28.97
C MET B 172 -9.38 -14.08 -28.77
N ASP B 173 -9.99 -14.64 -29.82
CA ASP B 173 -10.58 -15.98 -29.70
C ASP B 173 -9.47 -17.00 -29.42
N MET B 174 -8.32 -16.80 -30.06
CA MET B 174 -7.19 -17.70 -29.86
C MET B 174 -6.84 -17.68 -28.38
N LEU B 175 -6.71 -16.46 -27.86
CA LEU B 175 -6.40 -16.27 -26.45
C LEU B 175 -7.45 -16.97 -25.56
N HIS B 176 -8.75 -16.82 -25.88
CA HIS B 176 -9.81 -17.49 -25.12
C HIS B 176 -9.59 -18.98 -25.12
N SER B 177 -9.27 -19.53 -26.29
CA SER B 177 -9.09 -20.97 -26.39
C SER B 177 -7.91 -21.46 -25.55
N MET B 178 -6.94 -20.58 -25.29
CA MET B 178 -5.80 -20.93 -24.47
C MET B 178 -6.21 -21.02 -23.02
N GLY B 179 -7.27 -20.30 -22.69
CA GLY B 179 -7.74 -20.34 -21.31
C GLY B 179 -8.69 -19.28 -20.79
N PRO B 180 -8.21 -18.05 -20.60
CA PRO B 180 -9.07 -16.97 -20.08
C PRO B 180 -10.40 -16.65 -20.76
N ASP B 181 -11.44 -16.48 -19.96
CA ASP B 181 -12.76 -16.11 -20.45
C ASP B 181 -12.84 -14.62 -20.73
N THR B 182 -11.91 -13.86 -20.19
CA THR B 182 -11.92 -12.42 -20.43
C THR B 182 -10.56 -11.99 -20.98
N VAL B 183 -10.59 -11.46 -22.19
CA VAL B 183 -9.40 -10.97 -22.84
C VAL B 183 -9.55 -9.51 -23.15
N VAL B 184 -8.69 -8.65 -22.61
CA VAL B 184 -8.77 -7.23 -23.00
C VAL B 184 -7.41 -6.81 -23.57
N ILE B 185 -7.40 -6.32 -24.80
CA ILE B 185 -6.16 -5.81 -25.42
C ILE B 185 -6.19 -4.36 -24.95
N THR B 186 -5.32 -4.04 -24.01
CA THR B 186 -5.28 -2.72 -23.40
C THR B 186 -4.76 -1.55 -24.20
N SER B 187 -4.11 -1.82 -25.34
CA SER B 187 -3.62 -0.74 -26.20
C SER B 187 -3.18 -1.35 -27.52
N SER B 188 -3.35 -0.59 -28.59
CA SER B 188 -3.00 -1.04 -29.94
C SER B 188 -3.00 0.19 -30.82
N ASP B 189 -2.27 0.13 -31.93
CA ASP B 189 -2.22 1.26 -32.85
C ASP B 189 -3.18 1.08 -34.02
N LEU B 190 -4.19 0.23 -33.85
CA LEU B 190 -5.18 0.00 -34.89
C LEU B 190 -5.75 1.33 -35.35
N PRO B 191 -6.30 1.36 -36.58
CA PRO B 191 -6.89 2.58 -37.16
C PRO B 191 -8.15 3.05 -36.44
N SER B 192 -8.30 4.35 -36.28
CA SER B 192 -9.49 4.93 -35.66
C SER B 192 -10.17 5.92 -36.59
N PRO B 193 -11.51 5.83 -36.70
CA PRO B 193 -12.20 6.78 -37.59
C PRO B 193 -12.20 8.18 -37.01
N GLN B 194 -11.55 8.34 -35.87
CA GLN B 194 -11.48 9.63 -35.21
C GLN B 194 -10.13 10.32 -35.38
N GLY B 195 -9.21 9.68 -36.11
CA GLY B 195 -7.91 10.27 -36.30
C GLY B 195 -6.80 9.27 -36.03
N SER B 196 -5.56 9.71 -36.17
CA SER B 196 -4.43 8.82 -35.95
C SER B 196 -3.93 8.90 -34.52
N ASN B 197 -4.24 10.00 -33.85
CA ASN B 197 -3.80 10.19 -32.48
C ASN B 197 -4.74 9.46 -31.51
N TYR B 198 -5.02 8.20 -31.83
CA TYR B 198 -5.87 7.37 -31.00
C TYR B 198 -5.28 6.00 -30.82
N LEU B 199 -5.49 5.42 -29.64
CA LEU B 199 -5.03 4.07 -29.36
C LEU B 199 -6.34 3.33 -29.21
N ILE B 200 -6.33 2.03 -29.50
CA ILE B 200 -7.56 1.28 -29.46
C ILE B 200 -7.59 0.18 -28.41
N VAL B 201 -8.67 0.13 -27.64
CA VAL B 201 -8.86 -0.93 -26.64
C VAL B 201 -9.92 -1.87 -27.15
N LEU B 202 -9.64 -3.17 -27.03
CA LEU B 202 -10.63 -4.16 -27.44
C LEU B 202 -10.89 -5.11 -26.30
N GLY B 203 -12.16 -5.47 -26.13
CA GLY B 203 -12.49 -6.38 -25.05
C GLY B 203 -13.44 -7.47 -25.52
N SER B 204 -13.24 -8.65 -24.96
CA SER B 204 -14.03 -9.81 -25.29
C SER B 204 -14.21 -10.66 -24.03
N GLN B 205 -15.44 -11.03 -23.72
CA GLN B 205 -15.70 -11.84 -22.55
C GLN B 205 -16.69 -12.94 -22.85
N ARG B 206 -16.32 -14.15 -22.47
CA ARG B 206 -17.15 -15.35 -22.63
C ARG B 206 -17.70 -15.73 -21.27
N ARG B 207 -19.00 -15.92 -21.21
CA ARG B 207 -19.64 -16.27 -19.97
C ARG B 207 -20.90 -17.10 -20.27
N ARG B 208 -21.29 -17.87 -19.29
CA ARG B 208 -22.46 -18.72 -19.37
C ARG B 208 -23.58 -17.99 -18.64
N ASN B 209 -24.63 -17.59 -19.37
CA ASN B 209 -25.75 -16.87 -18.77
C ASN B 209 -26.67 -17.76 -17.91
N PRO B 210 -27.62 -17.14 -17.18
CA PRO B 210 -28.55 -17.89 -16.31
C PRO B 210 -29.14 -19.14 -16.95
N ALA B 211 -29.64 -19.00 -18.18
CA ALA B 211 -30.21 -20.12 -18.92
C ALA B 211 -29.18 -21.21 -19.13
N GLY B 212 -27.91 -20.84 -19.02
CA GLY B 212 -26.86 -21.82 -19.20
C GLY B 212 -26.24 -21.77 -20.58
N SER B 213 -26.59 -20.75 -21.38
CA SER B 213 -25.99 -20.65 -22.71
C SER B 213 -24.66 -19.90 -22.60
N VAL B 214 -23.62 -20.39 -23.28
CA VAL B 214 -22.31 -19.76 -23.27
C VAL B 214 -22.30 -18.67 -24.33
N VAL B 215 -22.26 -17.40 -23.92
CA VAL B 215 -22.23 -16.31 -24.87
C VAL B 215 -20.96 -15.47 -24.75
N MET B 216 -20.81 -14.51 -25.66
CA MET B 216 -19.64 -13.68 -25.69
C MET B 216 -19.96 -12.22 -25.97
N GLU B 217 -19.43 -11.35 -25.13
CA GLU B 217 -19.63 -9.92 -25.27
C GLU B 217 -18.30 -9.39 -25.80
N ARG B 218 -18.37 -8.47 -26.75
CA ARG B 218 -17.18 -7.88 -27.37
C ARG B 218 -17.32 -6.36 -27.44
N ILE B 219 -16.27 -5.62 -27.08
CA ILE B 219 -16.36 -4.17 -27.16
C ILE B 219 -15.09 -3.55 -27.68
N ARG B 220 -15.21 -2.27 -28.01
CA ARG B 220 -14.10 -1.49 -28.52
C ARG B 220 -14.18 -0.08 -28.00
N MET B 221 -13.03 0.51 -27.70
CA MET B 221 -12.93 1.88 -27.24
C MET B 221 -11.81 2.62 -27.98
N ASP B 222 -12.10 3.85 -28.40
CA ASP B 222 -11.15 4.68 -29.12
C ASP B 222 -10.70 5.79 -28.18
N ILE B 223 -9.51 5.62 -27.60
CA ILE B 223 -8.95 6.58 -26.66
C ILE B 223 -8.00 7.55 -27.36
N ARG B 224 -8.17 8.84 -27.09
CA ARG B 224 -7.29 9.85 -27.70
C ARG B 224 -5.93 9.80 -27.00
N LYS B 225 -4.84 9.75 -27.76
CA LYS B 225 -3.51 9.70 -27.18
C LYS B 225 -3.02 11.01 -26.59
N VAL B 226 -2.37 10.93 -25.44
CA VAL B 226 -1.82 12.12 -24.81
C VAL B 226 -0.36 12.08 -25.17
N ASP B 227 0.25 13.25 -25.23
CA ASP B 227 1.65 13.43 -25.59
C ASP B 227 2.58 13.20 -24.39
N ALA B 228 2.87 11.94 -24.09
CA ALA B 228 3.75 11.60 -22.99
C ALA B 228 3.73 10.11 -22.78
N VAL B 229 4.76 9.62 -22.08
CA VAL B 229 4.85 8.20 -21.78
C VAL B 229 4.61 8.07 -20.29
N PHE B 230 3.66 7.21 -19.95
CA PHE B 230 3.31 6.98 -18.57
C PHE B 230 3.75 5.58 -18.18
N VAL B 231 4.16 5.40 -16.94
CA VAL B 231 4.55 4.06 -16.51
C VAL B 231 3.55 3.73 -15.40
N GLY B 232 3.12 2.49 -15.30
CA GLY B 232 2.14 2.12 -14.29
C GLY B 232 0.68 2.10 -14.72
N THR B 233 0.37 2.73 -15.86
CA THR B 233 -1.02 2.78 -16.33
C THR B 233 -1.54 1.42 -16.78
N GLY B 234 -0.64 0.57 -17.26
CA GLY B 234 -1.01 -0.77 -17.66
C GLY B 234 -1.33 -1.55 -16.40
N ASP B 235 -0.56 -1.30 -15.35
CA ASP B 235 -0.79 -1.95 -14.06
C ASP B 235 -2.12 -1.49 -13.46
N LEU B 236 -2.40 -0.19 -13.56
CA LEU B 236 -3.63 0.36 -13.02
C LEU B 236 -4.84 -0.19 -13.80
N PHE B 237 -4.67 -0.38 -15.11
CA PHE B 237 -5.75 -0.88 -15.98
C PHE B 237 -6.16 -2.27 -15.51
N ALA B 238 -5.18 -3.15 -15.33
CA ALA B 238 -5.52 -4.50 -14.91
C ALA B 238 -6.21 -4.46 -13.54
N ALA B 239 -5.69 -3.65 -12.63
CA ALA B 239 -6.23 -3.55 -11.27
C ALA B 239 -7.70 -3.13 -11.25
N MET B 240 -8.02 -2.13 -12.06
CA MET B 240 -9.37 -1.60 -12.16
C MET B 240 -10.28 -2.52 -12.95
N LEU B 241 -9.71 -3.26 -13.90
CA LEU B 241 -10.49 -4.19 -14.69
C LEU B 241 -11.00 -5.25 -13.73
N LEU B 242 -10.10 -5.67 -12.83
CA LEU B 242 -10.44 -6.66 -11.82
C LEU B 242 -11.58 -6.12 -10.97
N ALA B 243 -11.39 -4.90 -10.49
CA ALA B 243 -12.38 -4.26 -9.62
C ALA B 243 -13.77 -4.07 -10.25
N TRP B 244 -13.83 -3.58 -11.49
CA TRP B 244 -15.10 -3.35 -12.17
C TRP B 244 -15.73 -4.58 -12.85
N THR B 245 -14.96 -5.62 -13.16
CA THR B 245 -15.63 -6.81 -13.67
C THR B 245 -16.19 -7.55 -12.44
N HIS B 246 -15.58 -7.29 -11.29
CA HIS B 246 -16.06 -7.88 -10.03
C HIS B 246 -17.45 -7.28 -9.72
N LYS B 247 -17.60 -5.99 -10.02
CA LYS B 247 -18.82 -5.24 -9.77
C LYS B 247 -19.90 -5.48 -10.84
N HIS B 248 -19.47 -5.64 -12.09
CA HIS B 248 -20.34 -5.83 -13.25
C HIS B 248 -19.84 -7.08 -13.97
N PRO B 249 -19.97 -8.24 -13.31
CA PRO B 249 -19.51 -9.51 -13.89
C PRO B 249 -20.12 -9.92 -15.24
N ASN B 250 -21.30 -9.41 -15.56
CA ASN B 250 -21.91 -9.83 -16.83
C ASN B 250 -22.06 -8.65 -17.70
N ASN B 251 -21.17 -7.70 -17.56
CA ASN B 251 -21.27 -6.51 -18.37
C ASN B 251 -19.88 -5.95 -18.65
N LEU B 252 -19.23 -6.48 -19.67
CA LEU B 252 -17.89 -6.06 -20.04
C LEU B 252 -17.84 -4.61 -20.46
N LYS B 253 -18.86 -4.16 -21.18
CA LYS B 253 -18.94 -2.78 -21.65
C LYS B 253 -18.79 -1.78 -20.49
N VAL B 254 -19.60 -1.97 -19.44
CA VAL B 254 -19.56 -1.10 -18.28
C VAL B 254 -18.25 -1.22 -17.52
N ALA B 255 -17.79 -2.46 -17.30
CA ALA B 255 -16.55 -2.67 -16.61
C ALA B 255 -15.43 -1.94 -17.33
N CYS B 256 -15.36 -2.11 -18.65
CA CYS B 256 -14.31 -1.47 -19.42
C CYS B 256 -14.48 0.04 -19.45
N GLU B 257 -15.71 0.52 -19.51
CA GLU B 257 -15.93 1.97 -19.52
C GLU B 257 -15.47 2.64 -18.21
N LYS B 258 -15.73 2.00 -17.09
CA LYS B 258 -15.31 2.53 -15.80
C LYS B 258 -13.79 2.42 -15.67
N THR B 259 -13.20 1.32 -16.16
CA THR B 259 -11.75 1.16 -16.09
C THR B 259 -11.03 2.24 -16.91
N VAL B 260 -11.39 2.36 -18.18
CA VAL B 260 -10.82 3.35 -19.09
C VAL B 260 -11.10 4.78 -18.66
N SER B 261 -12.26 5.03 -18.06
CA SER B 261 -12.60 6.38 -17.60
C SER B 261 -11.75 6.77 -16.40
N THR B 262 -11.48 5.79 -15.56
CA THR B 262 -10.65 6.03 -14.39
C THR B 262 -9.23 6.42 -14.82
N LEU B 263 -8.71 5.78 -15.87
CA LEU B 263 -7.35 6.10 -16.32
C LEU B 263 -7.33 7.50 -16.87
N HIS B 264 -8.40 7.83 -17.57
CA HIS B 264 -8.52 9.16 -18.17
C HIS B 264 -8.45 10.23 -17.09
N HIS B 265 -9.27 10.09 -16.06
CA HIS B 265 -9.29 11.10 -15.00
C HIS B 265 -7.94 11.20 -14.34
N VAL B 266 -7.33 10.05 -14.08
CA VAL B 266 -6.02 10.03 -13.48
C VAL B 266 -4.99 10.68 -14.41
N LEU B 267 -4.95 10.22 -15.66
CA LEU B 267 -4.00 10.77 -16.62
C LEU B 267 -4.19 12.25 -16.87
N GLN B 268 -5.45 12.69 -16.86
CA GLN B 268 -5.71 14.09 -17.10
C GLN B 268 -5.10 14.93 -15.97
N ARG B 269 -5.40 14.53 -14.73
CA ARG B 269 -4.89 15.25 -13.56
C ARG B 269 -3.36 15.24 -13.58
N THR B 270 -2.80 14.12 -14.03
CA THR B 270 -1.36 13.94 -14.08
C THR B 270 -0.72 14.79 -15.16
N ILE B 271 -1.36 14.84 -16.32
CA ILE B 271 -0.81 15.61 -17.42
C ILE B 271 -0.87 17.11 -17.10
N GLN B 272 -1.89 17.56 -16.38
CA GLN B 272 -1.97 18.96 -16.05
C GLN B 272 -1.01 19.39 -14.92
N CYS B 273 -0.68 18.47 -14.03
CA CYS B 273 0.26 18.80 -12.96
C CYS B 273 1.67 18.35 -13.34
N ALA B 274 1.95 18.40 -14.63
CA ALA B 274 3.24 18.01 -15.17
C ALA B 274 3.59 19.15 -16.10
N LYS B 275 2.57 19.66 -16.78
CA LYS B 275 2.74 20.78 -17.68
C LYS B 275 3.08 21.99 -16.82
N ALA B 276 2.32 22.15 -15.75
CA ALA B 276 2.49 23.26 -14.82
C ALA B 276 3.83 23.19 -14.08
N GLN B 277 4.57 22.11 -14.28
CA GLN B 277 5.84 21.95 -13.61
C GLN B 277 6.99 22.15 -14.57
N ALA B 278 6.84 21.56 -15.75
CA ALA B 278 7.87 21.66 -16.77
C ALA B 278 8.29 23.12 -16.88
N ARG B 283 9.93 19.79 -21.19
CA ARG B 283 9.00 18.62 -21.13
C ARG B 283 8.93 17.97 -19.77
N PRO B 284 7.75 17.45 -19.40
CA PRO B 284 7.61 16.79 -18.10
C PRO B 284 8.57 15.61 -18.11
N SER B 285 9.35 15.48 -17.03
CA SER B 285 10.30 14.38 -16.89
C SER B 285 9.54 13.20 -16.26
N PRO B 286 10.20 12.04 -16.15
CA PRO B 286 9.49 10.91 -15.54
C PRO B 286 8.85 11.23 -14.20
N MET B 287 9.53 12.02 -13.37
CA MET B 287 9.01 12.36 -12.05
C MET B 287 7.74 13.18 -12.09
N GLN B 288 7.64 14.07 -13.07
CA GLN B 288 6.47 14.93 -13.21
C GLN B 288 5.29 14.17 -13.84
N LEU B 289 5.59 13.02 -14.42
CA LEU B 289 4.57 12.23 -15.05
C LEU B 289 4.09 11.07 -14.17
N GLU B 290 4.58 11.02 -12.94
CA GLU B 290 4.15 9.96 -12.02
C GLU B 290 2.64 10.10 -11.89
N LEU B 291 1.92 8.98 -11.94
CA LEU B 291 0.47 9.08 -11.82
C LEU B 291 0.10 9.78 -10.53
N ARG B 292 -0.79 10.76 -10.62
CA ARG B 292 -1.27 11.49 -9.45
C ARG B 292 -2.32 10.58 -8.82
N MET B 293 -1.84 9.49 -8.22
CA MET B 293 -2.71 8.47 -7.63
C MET B 293 -3.57 8.95 -6.46
N VAL B 294 -2.91 9.41 -5.41
CA VAL B 294 -3.58 9.86 -4.20
C VAL B 294 -4.63 10.95 -4.49
N GLN B 295 -4.32 11.84 -5.40
CA GLN B 295 -5.24 12.94 -5.71
C GLN B 295 -6.45 12.53 -6.53
N SER B 296 -6.44 11.31 -7.04
CA SER B 296 -7.55 10.85 -7.89
C SER B 296 -8.52 9.97 -7.13
N LYS B 297 -8.44 10.00 -5.80
CA LYS B 297 -9.29 9.17 -4.99
C LYS B 297 -10.76 9.16 -5.41
N ARG B 298 -11.36 10.34 -5.49
CA ARG B 298 -12.75 10.45 -5.86
C ARG B 298 -13.05 9.80 -7.20
N ASP B 299 -12.16 10.01 -8.17
CA ASP B 299 -12.33 9.45 -9.51
C ASP B 299 -12.24 7.93 -9.51
N ILE B 300 -11.44 7.38 -8.60
CA ILE B 300 -11.32 5.94 -8.53
C ILE B 300 -12.61 5.37 -7.94
N GLU B 301 -13.09 5.99 -6.86
CA GLU B 301 -14.30 5.51 -6.20
C GLU B 301 -15.54 5.50 -7.08
N ASP B 302 -15.70 6.54 -7.89
CA ASP B 302 -16.87 6.64 -8.76
C ASP B 302 -16.49 7.43 -9.99
N PRO B 303 -15.92 6.76 -11.00
CA PRO B 303 -15.49 7.39 -12.24
C PRO B 303 -16.64 7.93 -13.08
N GLU B 304 -16.53 9.20 -13.48
CA GLU B 304 -17.56 9.79 -14.32
C GLU B 304 -17.22 9.24 -15.69
N ILE B 305 -18.17 8.55 -16.31
CA ILE B 305 -17.87 7.96 -17.61
C ILE B 305 -17.70 9.02 -18.70
N VAL B 306 -16.49 9.10 -19.26
CA VAL B 306 -16.17 10.09 -20.27
C VAL B 306 -15.96 9.55 -21.67
N VAL B 307 -15.95 8.23 -21.80
CA VAL B 307 -15.80 7.60 -23.10
C VAL B 307 -16.68 6.37 -23.07
N GLN B 308 -17.52 6.24 -24.07
CA GLN B 308 -18.42 5.11 -24.12
C GLN B 308 -17.85 4.09 -25.08
N ALA B 309 -18.06 2.82 -24.81
CA ALA B 309 -17.54 1.77 -25.68
C ALA B 309 -18.49 1.45 -26.84
N THR B 310 -17.91 1.07 -27.97
CA THR B 310 -18.65 0.67 -29.16
C THR B 310 -18.93 -0.80 -28.98
N VAL B 311 -20.16 -1.22 -29.24
CA VAL B 311 -20.47 -2.63 -29.10
C VAL B 311 -20.04 -3.39 -30.34
N LEU B 312 -19.35 -4.50 -30.15
CA LEU B 312 -18.90 -5.34 -31.26
C LEU B 312 -19.63 -6.67 -31.23
MG MG C . 0.72 -1.20 23.69
MG MG D . 4.35 -0.53 16.43
NA NA E . 3.34 4.33 20.90
PG ATP F . 3.88 1.24 20.38
O1G ATP F . 3.88 1.15 18.76
O2G ATP F . 4.99 2.36 20.72
O3G ATP F . 4.17 -0.05 21.02
PB ATP F . 1.56 1.59 22.08
O1B ATP F . 1.75 0.24 22.67
O2B ATP F . 0.95 2.73 22.78
O3B ATP F . 2.47 1.91 20.78
PA ATP F . -0.99 0.36 21.58
O1A ATP F . -1.70 -0.23 20.44
O2A ATP F . -1.03 -0.17 22.96
O3A ATP F . 0.28 1.27 21.16
O5' ATP F . -1.97 1.61 21.84
C5' ATP F . -2.06 2.72 20.94
C4' ATP F . -3.50 3.18 20.78
O4' ATP F . -4.29 2.16 20.13
C3' ATP F . -4.21 3.48 22.10
O3' ATP F . -4.01 4.87 22.41
C2' ATP F . -5.67 3.32 21.68
O2' ATP F . -6.09 4.50 20.98
C1' ATP F . -5.60 2.14 20.72
N9 ATP F . -5.74 0.83 21.42
C8 ATP F . -4.88 -0.17 21.36
N7 ATP F . -5.36 -1.21 22.03
C5 ATP F . -6.54 -0.87 22.53
C6 ATP F . -7.50 -1.53 23.28
N6 ATP F . -7.31 -2.78 23.67
N1 ATP F . -8.62 -0.89 23.60
C2 ATP F . -8.83 0.37 23.20
N3 ATP F . -7.94 1.03 22.50
C4 ATP F . -6.79 0.44 22.14
N1 PLP G . 5.50 -4.50 12.82
C2 PLP G . 5.92 -5.61 13.42
C2A PLP G . 7.02 -6.46 12.77
C3 PLP G . 5.38 -5.99 14.64
O3 PLP G . 5.76 -7.16 15.24
C4 PLP G . 4.38 -5.21 15.22
C4A PLP G . 3.80 -5.57 16.59
O4A PLP G . 4.49 -6.12 17.44
C5 PLP G . 3.96 -4.06 14.56
C6 PLP G . 4.55 -3.74 13.35
C5A PLP G . 2.83 -3.16 15.08
O4P PLP G . 3.08 -2.74 16.43
P PLP G . 1.90 -2.11 17.33
O1P PLP G . 0.94 -1.28 16.35
O2P PLP G . 2.41 -1.27 18.44
O3P PLP G . 1.04 -3.37 17.85
C1 MPD H . 6.24 -8.15 11.42
C2 MPD H . 6.53 -7.17 12.56
O2 MPD H . 5.96 -7.68 13.77
CM MPD H . 8.04 -7.02 12.72
C3 MPD H . 5.88 -5.81 12.25
C4 MPD H . 5.88 -4.90 13.47
O4 MPD H . 5.48 -3.60 13.07
C5 MPD H . 4.92 -5.43 14.54
C1 MPD I . -3.68 -1.03 24.98
C2 MPD I . -3.03 -1.78 26.14
O2 MPD I . -2.92 -0.89 27.25
CM MPD I . -3.88 -2.98 26.56
C3 MPD I . -1.62 -2.22 25.76
C4 MPD I . -1.60 -3.01 24.45
O4 MPD I . -0.25 -3.24 24.06
C5 MPD I . -2.33 -4.36 24.58
C1 MPD J . 8.94 20.49 -1.96
C2 MPD J . 8.92 19.67 -0.67
O2 MPD J . 8.30 20.45 0.35
CM MPD J . 8.13 18.38 -0.89
C3 MPD J . 10.35 19.33 -0.24
C4 MPD J . 11.18 20.61 -0.15
O4 MPD J . 10.66 21.45 0.89
C5 MPD J . 12.66 20.29 0.10
S SO4 K . 13.21 1.91 34.24
O1 SO4 K . 12.56 2.92 35.11
O2 SO4 K . 12.16 1.10 33.59
O3 SO4 K . 14.02 2.60 33.22
O4 SO4 K . 14.09 1.05 35.05
S SO4 L . 24.34 8.54 3.49
O1 SO4 L . 25.22 8.45 4.68
O2 SO4 L . 22.93 8.42 3.90
O3 SO4 L . 24.54 9.84 2.83
O4 SO4 L . 24.69 7.46 2.55
S SO4 M . -2.70 17.53 2.27
O1 SO4 M . -3.46 16.48 1.58
O2 SO4 M . -3.04 18.84 1.67
O3 SO4 M . -3.08 17.52 3.70
O4 SO4 M . -1.25 17.27 2.14
MG MG N . 1.94 0.49 -23.59
MG MG O . 3.17 -3.39 -16.35
NA NA P . -1.85 -4.61 -20.84
PG ATP Q . 1.07 -3.60 -20.29
O1G ATP Q . 0.58 -5.13 -20.46
O2G ATP Q . 2.37 -3.45 -21.23
O3G ATP Q . 1.34 -3.29 -18.87
PB ATP Q . -0.17 -1.63 -22.08
O1B ATP Q . 1.16 -1.27 -22.64
O2B ATP Q . -1.45 -1.47 -22.79
O3B ATP Q . -0.15 -2.71 -20.89
PA ATP Q . -0.26 1.17 -21.52
O1A ATP Q . -0.18 2.09 -20.37
O2A ATP Q . 0.24 1.46 -22.88
O3A ATP Q . -0.37 -0.39 -21.08
O5' ATP Q . -1.83 1.38 -21.84
C5' ATP Q . -2.85 1.15 -20.85
C4' ATP Q . -3.90 2.27 -20.84
O4' ATP Q . -3.46 3.46 -20.15
C3' ATP Q . -4.39 2.72 -22.21
O3' ATP Q . -5.41 1.84 -22.67
C2' ATP Q . -5.03 4.05 -21.83
O2' ATP Q . -6.27 3.84 -21.16
C1' ATP Q . -4.00 4.60 -20.83
N9 ATP Q . -2.87 5.27 -21.55
C8 ATP Q . -1.59 4.93 -21.47
N7 ATP Q . -0.86 5.78 -22.17
C5 ATP Q . -1.68 6.68 -22.71
C6 ATP Q . -1.50 7.80 -23.50
N6 ATP Q . -0.27 8.14 -23.92
N1 ATP Q . -2.56 8.52 -23.86
C2 ATP Q . -3.78 8.19 -23.46
N3 ATP Q . -3.99 7.12 -22.70
C4 ATP Q . -2.97 6.36 -22.31
C1 MPD R . 10.36 -0.79 -11.33
C2 MPD R . 9.80 -1.28 -12.67
O2 MPD R . 10.01 -0.29 -13.66
CM MPD R . 10.49 -2.58 -13.06
C3 MPD R . 8.29 -1.52 -12.51
C4 MPD R . 7.65 -1.84 -13.87
O4 MPD R . 6.32 -2.33 -13.64
C5 MPD R . 7.59 -0.59 -14.75
N1 PLP S . 6.36 -2.17 -12.72
C2 PLP S . 7.64 -2.12 -13.09
C2A PLP S . 8.73 -2.75 -12.22
C3 PLP S . 7.99 -1.46 -14.27
O3 PLP S . 9.31 -1.38 -14.63
C4 PLP S . 7.00 -0.86 -15.04
C4A PLP S . 7.34 -0.19 -16.37
O4A PLP S . 7.82 -0.84 -17.29
C5 PLP S . 5.67 -0.90 -14.61
C6 PLP S . 5.40 -1.58 -13.43
C5A PLP S . 4.54 -0.12 -15.28
O4P PLP S . 3.94 -0.81 -16.39
P PLP S . 2.81 -0.10 -17.28
O1P PLP S . 2.55 -1.05 -18.56
O2P PLP S . 3.16 1.29 -17.70
O3P PLP S . 1.46 -0.14 -16.41
C1 MPD T . -17.79 -19.45 -20.03
C2 MPD T . -17.30 -20.84 -19.62
O2 MPD T . -15.88 -20.89 -19.78
CM MPD T . -17.66 -21.10 -18.16
C3 MPD T . -17.92 -21.88 -20.55
C4 MPD T . -17.14 -23.20 -20.53
O4 MPD T . -15.80 -22.97 -20.97
C5 MPD T . -17.16 -23.88 -19.16
C1 MPD U . -0.25 3.64 -24.89
C2 MPD U . 0.73 3.82 -26.04
O2 MPD U . 1.08 2.55 -26.59
CM MPD U . 0.09 4.68 -27.14
C3 MPD U . 2.00 4.50 -25.54
C4 MPD U . 2.60 3.71 -24.37
O4 MPD U . 2.97 2.39 -24.81
C5 MPD U . 3.84 4.43 -23.80
C1 MPD V . -19.71 -3.66 -37.76
C2 MPD V . -19.44 -3.16 -36.35
O2 MPD V . -19.34 -4.26 -35.44
CM MPD V . -18.12 -2.37 -36.32
C3 MPD V . -20.59 -2.25 -35.88
C4 MPD V . -21.90 -3.04 -35.75
O4 MPD V . -22.23 -3.63 -37.01
C5 MPD V . -21.82 -4.11 -34.66
C1 MPD W . -14.13 -19.77 -30.33
C2 MPD W . -12.73 -20.37 -30.52
O2 MPD W . -12.84 -21.74 -30.89
CM MPD W . -11.99 -19.60 -31.62
C3 MPD W . -11.94 -20.31 -29.21
C4 MPD W . -12.79 -20.81 -28.04
O4 MPD W . -11.94 -21.42 -27.07
C5 MPD W . -13.52 -19.63 -27.39
C1 MPD X . -12.89 -0.91 -40.48
C2 MPD X . -12.87 -0.54 -39.00
O2 MPD X . -14.12 0.08 -38.66
CM MPD X . -12.67 -1.79 -38.15
C3 MPD X . -11.74 0.46 -38.72
C4 MPD X . -11.95 1.73 -39.56
O4 MPD X . -13.20 2.33 -39.20
C5 MPD X . -10.80 2.70 -39.35
S SO4 Y . 4.26 -24.91 -3.21
O1 SO4 Y . 4.51 -25.98 -4.20
O2 SO4 Y . 3.00 -25.19 -2.49
O3 SO4 Y . 4.15 -23.62 -3.89
O4 SO4 Y . 5.37 -24.89 -2.23
S SO4 Z . -16.12 -12.22 -3.06
O1 SO4 Z . -14.83 -12.07 -2.35
O2 SO4 Z . -16.98 -13.17 -2.32
O3 SO4 Z . -16.79 -10.91 -3.14
O4 SO4 Z . -15.87 -12.73 -4.43
S SO4 AA . 4.87 -12.21 -33.80
O1 SO4 AA . 3.81 -12.35 -34.82
O2 SO4 AA . 4.63 -13.19 -32.73
O3 SO4 AA . 6.18 -12.47 -34.42
O4 SO4 AA . 4.83 -10.84 -33.25
S SO4 BA . -16.29 -5.19 -2.24
O1 SO4 BA . -16.63 -6.14 -1.17
O2 SO4 BA . -17.12 -5.43 -3.43
O3 SO4 BA . -16.54 -3.80 -1.76
O4 SO4 BA . -14.86 -5.38 -2.55
S SO4 CA . 14.81 -5.02 -14.81
O1 SO4 CA . 15.62 -6.26 -14.85
O2 SO4 CA . 13.86 -5.02 -15.95
O3 SO4 CA . 14.06 -4.96 -13.54
O4 SO4 CA . 15.69 -3.85 -14.95
#